data_7AL6
#
_entry.id   7AL6
#
_cell.length_a   136.758
_cell.length_b   136.758
_cell.length_c   148.126
_cell.angle_alpha   90.00
_cell.angle_beta   90.00
_cell.angle_gamma   120.00
#
_symmetry.space_group_name_H-M   'P 61'
#
loop_
_entity.id
_entity.type
_entity.pdbx_description
1 polymer 'Probable hydrolase'
2 non-polymer DI(HYDROXYETHYL)ETHER
3 non-polymer 'TRIETHYLENE GLYCOL'
4 non-polymer 1,2-ETHANEDIOL
5 water water
#
_entity_poly.entity_id   1
_entity_poly.type   'polypeptide(L)'
_entity_poly.pdbx_seq_one_letter_code
;MSLQVEEVRISLPHIELAAHLFGPPDGKPVIALHGWLDNAMSFSRLAPKLAGLRIVALDFAGHGHSAHRAEGASYLLWDY
ALDVLMVAEQLGWERFSLLGHSMGAIVSVLLAGALPERIERLALIDGLIPYTGEADKAPQKLGEALKAQLALRHKRKPVY
AELEKAVEARMRGVGEISREAAELLAQRGLEPVPGGYTWRTDARLTLPSPLRLTQAHALNFVRSVECPVSLVLAEQGMLA
VEPRMRALLETLPFERHHLPGGHHLHLDDEAGAQAVARVFAAFFAR
;
_entity_poly.pdbx_strand_id   A,B,C,D
#
loop_
_chem_comp.id
_chem_comp.type
_chem_comp.name
_chem_comp.formula
EDO non-polymer 1,2-ETHANEDIOL 'C2 H6 O2'
PEG non-polymer DI(HYDROXYETHYL)ETHER 'C4 H10 O3'
PGE non-polymer 'TRIETHYLENE GLYCOL' 'C6 H14 O4'
#
# COMPACT_ATOMS: atom_id res chain seq x y z
N SER A 2 -11.37 -26.29 27.64
CA SER A 2 -11.47 -24.97 27.02
C SER A 2 -10.29 -24.71 26.07
N LEU A 3 -10.57 -24.06 24.95
CA LEU A 3 -9.63 -24.01 23.83
C LEU A 3 -8.61 -22.90 24.02
N GLN A 4 -7.38 -23.14 23.54
CA GLN A 4 -6.29 -22.17 23.61
C GLN A 4 -5.95 -21.65 22.21
N VAL A 5 -5.37 -20.44 22.17
CA VAL A 5 -5.07 -19.77 20.91
C VAL A 5 -3.69 -20.23 20.41
N GLU A 6 -3.65 -20.72 19.18
CA GLU A 6 -2.42 -21.29 18.64
C GLU A 6 -1.89 -20.61 17.41
N GLU A 7 -2.75 -19.97 16.64
CA GLU A 7 -2.37 -19.33 15.38
C GLU A 7 -2.91 -17.90 15.40
N VAL A 8 -2.06 -16.92 15.15
CA VAL A 8 -2.45 -15.49 15.20
C VAL A 8 -1.76 -14.64 14.14
N ARG A 9 -2.32 -13.46 13.90
CA ARG A 9 -1.76 -12.39 13.09
C ARG A 9 -1.16 -11.41 14.10
N ILE A 10 0.05 -10.93 13.91
CA ILE A 10 0.66 -9.93 14.81
C ILE A 10 0.74 -8.65 13.99
N SER A 11 0.06 -7.61 14.44
CA SER A 11 -0.03 -6.36 13.69
C SER A 11 1.11 -5.45 14.10
N LEU A 12 2.01 -5.18 13.17
CA LEU A 12 3.03 -4.18 13.31
C LEU A 12 2.61 -2.93 12.57
N PRO A 13 3.27 -1.79 12.83
CA PRO A 13 2.87 -0.55 12.15
C PRO A 13 2.96 -0.65 10.66
N HIS A 14 3.92 -1.39 10.13
CA HIS A 14 4.18 -1.39 8.71
C HIS A 14 3.86 -2.70 8.00
N ILE A 15 3.58 -3.75 8.75
CA ILE A 15 3.32 -5.09 8.14
C ILE A 15 2.57 -5.94 9.14
N GLU A 16 1.88 -6.93 8.66
CA GLU A 16 1.15 -7.89 9.48
C GLU A 16 1.85 -9.23 9.34
N LEU A 17 2.26 -9.87 10.43
CA LEU A 17 2.99 -11.14 10.36
C LEU A 17 2.13 -12.24 10.97
N ALA A 18 2.39 -13.46 10.57
CA ALA A 18 1.74 -14.62 11.15
C ALA A 18 2.68 -15.31 12.13
N ALA A 19 2.09 -15.95 13.14
CA ALA A 19 2.88 -16.73 14.09
C ALA A 19 2.06 -17.90 14.65
N HIS A 20 2.76 -18.98 14.96
CA HIS A 20 2.20 -20.10 15.71
C HIS A 20 2.69 -20.00 17.15
N LEU A 21 1.78 -20.18 18.09
CA LEU A 21 2.06 -20.01 19.53
C LEU A 21 2.23 -21.37 20.21
N PHE A 22 3.32 -21.59 20.92
CA PHE A 22 3.57 -22.86 21.64
C PHE A 22 3.82 -22.58 23.11
N GLY A 23 3.47 -23.54 23.95
CA GLY A 23 3.77 -23.53 25.38
C GLY A 23 2.75 -22.78 26.19
N PRO A 24 2.93 -22.85 27.51
CA PRO A 24 2.04 -22.18 28.46
C PRO A 24 2.09 -20.67 28.37
N PRO A 25 0.95 -19.98 28.49
CA PRO A 25 0.98 -18.51 28.38
C PRO A 25 1.94 -17.86 29.36
N ASP A 26 2.30 -18.54 30.45
CA ASP A 26 3.18 -17.95 31.44
C ASP A 26 4.60 -18.51 31.39
N GLY A 27 5.02 -19.12 30.27
CA GLY A 27 6.37 -19.62 30.16
C GLY A 27 7.37 -18.53 29.80
N LYS A 28 8.64 -18.89 29.83
CA LYS A 28 9.68 -17.95 29.48
C LYS A 28 9.48 -17.44 28.04
N PRO A 29 9.51 -16.14 27.81
CA PRO A 29 9.24 -15.62 26.46
C PRO A 29 10.37 -15.91 25.47
N VAL A 30 10.01 -16.55 24.36
CA VAL A 30 10.94 -16.89 23.27
C VAL A 30 10.27 -16.59 21.93
N ILE A 31 10.98 -15.90 21.05
CA ILE A 31 10.60 -15.81 19.63
C ILE A 31 11.49 -16.75 18.84
N ALA A 32 10.87 -17.64 18.06
CA ALA A 32 11.57 -18.59 17.21
C ALA A 32 11.57 -18.11 15.77
N LEU A 33 12.77 -18.05 15.18
CA LEU A 33 13.01 -17.50 13.86
C LEU A 33 13.58 -18.57 12.92
N HIS A 34 12.98 -18.69 11.71
CA HIS A 34 13.30 -19.77 10.78
C HIS A 34 14.34 -19.33 9.75
N GLY A 35 14.68 -20.27 8.89
CA GLY A 35 15.66 -20.14 7.80
C GLY A 35 15.10 -19.46 6.56
N TRP A 36 15.98 -19.04 5.67
CA TRP A 36 15.58 -18.35 4.42
C TRP A 36 14.68 -19.29 3.59
N LEU A 37 13.51 -18.82 3.13
CA LEU A 37 12.48 -19.53 2.33
C LEU A 37 11.78 -20.63 3.14
N ASP A 38 11.99 -20.73 4.44
CA ASP A 38 11.22 -21.66 5.27
C ASP A 38 10.06 -20.89 5.91
N ASN A 39 9.57 -21.37 7.06
CA ASN A 39 8.43 -20.80 7.76
C ASN A 39 8.40 -21.39 9.15
N ALA A 40 7.38 -21.03 9.92
CA ALA A 40 7.33 -21.44 11.32
C ALA A 40 7.24 -22.95 11.50
N MET A 41 6.83 -23.69 10.49
CA MET A 41 6.82 -25.14 10.69
CA MET A 41 6.82 -25.16 10.65
C MET A 41 8.22 -25.73 10.79
N SER A 42 9.24 -24.90 10.66
CA SER A 42 10.63 -25.31 10.87
C SER A 42 10.71 -25.78 12.33
N PHE A 43 9.90 -25.23 13.24
CA PHE A 43 9.91 -25.54 14.68
C PHE A 43 8.79 -26.51 15.09
N SER A 44 8.11 -27.15 14.15
CA SER A 44 6.95 -28.03 14.43
C SER A 44 7.35 -29.21 15.32
N ARG A 45 8.54 -29.76 15.17
CA ARG A 45 8.98 -30.90 16.01
C ARG A 45 9.63 -30.40 17.31
N LEU A 46 10.46 -29.38 17.23
CA LEU A 46 11.24 -28.85 18.36
C LEU A 46 10.44 -28.10 19.42
N ALA A 47 9.58 -27.17 19.03
CA ALA A 47 8.90 -26.27 19.98
C ALA A 47 8.05 -27.06 20.96
N PRO A 48 7.27 -28.09 20.58
CA PRO A 48 6.45 -28.81 21.54
C PRO A 48 7.27 -29.51 22.64
N LYS A 49 8.52 -29.86 22.35
CA LYS A 49 9.44 -30.55 23.28
C LYS A 49 10.07 -29.60 24.30
N LEU A 50 9.99 -28.30 24.11
CA LEU A 50 10.59 -27.32 25.04
C LEU A 50 9.54 -26.82 26.03
N ALA A 51 9.26 -27.59 27.07
CA ALA A 51 8.28 -27.27 28.09
C ALA A 51 8.68 -25.99 28.85
N GLY A 52 7.68 -25.28 29.33
CA GLY A 52 8.02 -24.11 30.13
C GLY A 52 8.50 -22.90 29.36
N LEU A 53 8.57 -22.99 28.03
CA LEU A 53 8.92 -21.83 27.19
C LEU A 53 7.65 -21.36 26.47
N ARG A 54 7.37 -20.07 26.44
CA ARG A 54 6.25 -19.54 25.64
C ARG A 54 6.89 -19.18 24.30
N ILE A 55 6.71 -19.98 23.28
CA ILE A 55 7.41 -19.76 21.99
C ILE A 55 6.45 -19.21 20.95
N VAL A 56 6.86 -18.09 20.38
CA VAL A 56 6.17 -17.44 19.28
C VAL A 56 6.98 -17.80 18.05
N ALA A 57 6.50 -18.76 17.26
CA ALA A 57 7.20 -19.20 16.07
C ALA A 57 6.69 -18.31 14.95
N LEU A 58 7.53 -17.36 14.58
CA LEU A 58 7.17 -16.27 13.68
C LEU A 58 7.50 -16.63 12.24
N ASP A 59 6.57 -16.27 11.37
CA ASP A 59 6.79 -16.34 9.93
C ASP A 59 7.48 -15.01 9.61
N PHE A 60 8.64 -15.02 8.99
CA PHE A 60 9.26 -13.77 8.54
C PHE A 60 8.40 -13.19 7.41
N ALA A 61 8.54 -11.91 7.18
CA ALA A 61 7.91 -11.19 6.06
C ALA A 61 8.27 -11.90 4.75
N GLY A 62 7.28 -12.12 3.89
CA GLY A 62 7.44 -12.78 2.60
C GLY A 62 7.60 -14.29 2.71
N HIS A 63 7.37 -14.86 3.89
CA HIS A 63 7.51 -16.31 4.15
C HIS A 63 6.24 -16.85 4.81
N GLY A 64 5.98 -18.13 4.67
CA GLY A 64 4.87 -18.81 5.35
C GLY A 64 3.56 -18.10 5.08
N HIS A 65 2.90 -17.72 6.15
CA HIS A 65 1.63 -17.00 6.03
C HIS A 65 1.73 -15.50 6.38
N SER A 66 2.95 -14.98 6.56
CA SER A 66 3.10 -13.57 6.86
C SER A 66 2.91 -12.75 5.59
N ALA A 67 2.50 -11.51 5.75
CA ALA A 67 2.36 -10.66 4.58
C ALA A 67 3.70 -10.46 3.89
N HIS A 68 3.63 -10.24 2.58
CA HIS A 68 4.73 -9.63 1.84
C HIS A 68 4.88 -8.16 2.23
N ARG A 69 6.11 -7.68 2.20
CA ARG A 69 6.35 -6.27 2.47
C ARG A 69 5.70 -5.39 1.40
N ALA A 70 5.41 -4.15 1.78
CA ALA A 70 4.88 -3.17 0.83
C ALA A 70 5.86 -2.93 -0.33
N GLU A 71 5.32 -2.32 -1.39
CA GLU A 71 6.10 -2.05 -2.60
C GLU A 71 7.36 -1.26 -2.27
N GLY A 72 8.46 -1.59 -2.93
CA GLY A 72 9.73 -0.92 -2.76
C GLY A 72 10.51 -1.25 -1.49
N ALA A 73 9.91 -1.90 -0.50
CA ALA A 73 10.63 -2.27 0.71
C ALA A 73 11.60 -3.42 0.45
N SER A 74 12.68 -3.45 1.20
CA SER A 74 13.79 -4.41 1.07
C SER A 74 13.68 -5.60 2.02
N TYR A 75 14.38 -6.69 1.76
CA TYR A 75 14.43 -7.88 2.64
C TYR A 75 15.87 -8.07 3.11
N LEU A 76 16.44 -7.06 3.75
CA LEU A 76 17.81 -7.09 4.31
C LEU A 76 17.75 -7.66 5.72
N LEU A 77 18.88 -8.14 6.24
CA LEU A 77 18.93 -8.83 7.54
C LEU A 77 18.43 -7.92 8.67
N TRP A 78 18.79 -6.64 8.67
CA TRP A 78 18.35 -5.68 9.72
C TRP A 78 16.86 -5.36 9.59
N ASP A 79 16.27 -5.53 8.41
CA ASP A 79 14.80 -5.36 8.20
C ASP A 79 14.09 -6.44 9.01
N TYR A 80 14.56 -7.68 8.97
CA TYR A 80 13.99 -8.75 9.80
C TYR A 80 14.19 -8.46 11.28
N ALA A 81 15.36 -7.89 11.64
CA ALA A 81 15.63 -7.60 13.05
C ALA A 81 14.65 -6.59 13.59
N LEU A 82 14.40 -5.52 12.83
CA LEU A 82 13.40 -4.55 13.26
C LEU A 82 12.03 -5.23 13.45
N ASP A 83 11.61 -6.07 12.49
CA ASP A 83 10.32 -6.77 12.62
C ASP A 83 10.22 -7.55 13.93
N VAL A 84 11.27 -8.29 14.26
CA VAL A 84 11.26 -9.12 15.48
C VAL A 84 11.13 -8.23 16.72
N LEU A 85 11.85 -7.12 16.75
CA LEU A 85 11.80 -6.15 17.86
C LEU A 85 10.37 -5.60 18.01
N MET A 86 9.73 -5.27 16.90
CA MET A 86 8.35 -4.75 16.88
C MET A 86 7.37 -5.85 17.31
N VAL A 87 7.64 -7.11 16.97
CA VAL A 87 6.78 -8.23 17.40
C VAL A 87 6.81 -8.29 18.93
N ALA A 88 7.99 -8.21 19.53
CA ALA A 88 8.11 -8.18 20.99
C ALA A 88 7.35 -7.00 21.59
N GLU A 89 7.50 -5.80 21.01
CA GLU A 89 6.72 -4.65 21.48
C GLU A 89 5.23 -4.96 21.44
N GLN A 90 4.75 -5.54 20.32
CA GLN A 90 3.32 -5.76 20.16
C GLN A 90 2.82 -6.84 21.11
N LEU A 91 3.68 -7.73 21.56
CA LEU A 91 3.31 -8.73 22.53
C LEU A 91 3.44 -8.21 23.96
N GLY A 92 4.01 -7.05 24.13
CA GLY A 92 4.26 -6.55 25.47
C GLY A 92 5.50 -7.08 26.14
N TRP A 93 6.47 -7.60 25.38
CA TRP A 93 7.66 -8.27 25.91
C TRP A 93 8.81 -7.27 26.00
N GLU A 94 9.22 -6.92 27.21
CA GLU A 94 10.36 -6.00 27.39
C GLU A 94 11.65 -6.80 27.14
N ARG A 95 11.83 -7.90 27.83
CA ARG A 95 13.00 -8.77 27.65
C ARG A 95 12.51 -10.12 27.13
N PHE A 96 13.28 -10.73 26.25
CA PHE A 96 12.88 -12.01 25.64
C PHE A 96 14.11 -12.72 25.09
N SER A 97 13.96 -13.99 24.81
CA SER A 97 15.01 -14.83 24.24
C SER A 97 14.70 -15.12 22.79
N LEU A 98 15.75 -15.50 22.04
CA LEU A 98 15.63 -15.90 20.65
C LEU A 98 16.09 -17.33 20.41
N LEU A 99 15.35 -18.03 19.56
CA LEU A 99 15.64 -19.38 19.11
C LEU A 99 15.68 -19.31 17.60
N GLY A 100 16.84 -19.41 17.01
CA GLY A 100 16.99 -19.13 15.59
C GLY A 100 17.64 -20.27 14.84
N HIS A 101 17.13 -20.52 13.63
CA HIS A 101 17.68 -21.52 12.72
C HIS A 101 18.22 -20.83 11.49
N SER A 102 19.49 -21.10 11.18
CA SER A 102 20.14 -20.63 9.97
C SER A 102 20.02 -19.12 9.81
N MET A 103 19.42 -18.62 8.72
CA MET A 103 19.20 -17.17 8.62
C MET A 103 18.59 -16.58 9.90
N GLY A 104 17.70 -17.32 10.53
CA GLY A 104 17.06 -16.81 11.73
C GLY A 104 18.03 -16.69 12.87
N ALA A 105 19.07 -17.54 12.88
CA ALA A 105 20.15 -17.43 13.86
C ALA A 105 21.00 -16.21 13.56
N ILE A 106 21.21 -15.93 12.27
CA ILE A 106 21.96 -14.73 11.90
C ILE A 106 21.25 -13.48 12.38
N VAL A 107 19.93 -13.44 12.19
CA VAL A 107 19.14 -12.27 12.57
C VAL A 107 19.17 -12.10 14.08
N SER A 108 19.14 -13.22 14.79
CA SER A 108 19.15 -13.20 16.23
C SER A 108 20.44 -12.60 16.76
N VAL A 109 21.58 -12.97 16.15
CA VAL A 109 22.89 -12.45 16.57
C VAL A 109 22.96 -10.95 16.34
N LEU A 110 22.44 -10.49 15.21
CA LEU A 110 22.43 -9.04 14.87
C LEU A 110 21.63 -8.30 15.94
N LEU A 111 20.47 -8.82 16.29
CA LEU A 111 19.58 -8.21 17.29
C LEU A 111 20.24 -8.22 18.67
N ALA A 112 20.84 -9.35 19.06
CA ALA A 112 21.51 -9.53 20.36
C ALA A 112 22.67 -8.56 20.44
N GLY A 113 23.40 -8.39 19.35
CA GLY A 113 24.53 -7.48 19.33
C GLY A 113 24.12 -6.02 19.31
N ALA A 114 23.00 -5.72 18.67
CA ALA A 114 22.60 -4.32 18.51
C ALA A 114 21.83 -3.81 19.72
N LEU A 115 20.98 -4.64 20.32
CA LEU A 115 20.15 -4.27 21.46
C LEU A 115 20.34 -5.28 22.59
N PRO A 116 21.54 -5.37 23.20
CA PRO A 116 21.78 -6.35 24.23
C PRO A 116 20.84 -6.21 25.44
N GLU A 117 20.31 -5.02 25.70
CA GLU A 117 19.38 -4.73 26.82
C GLU A 117 18.10 -5.60 26.72
N ARG A 118 17.63 -5.94 25.52
CA ARG A 118 16.37 -6.70 25.28
C ARG A 118 16.53 -8.22 25.23
N ILE A 119 17.71 -8.77 25.01
CA ILE A 119 17.79 -10.20 24.68
C ILE A 119 18.38 -10.97 25.87
N GLU A 120 17.59 -11.88 26.42
CA GLU A 120 18.03 -12.57 27.61
C GLU A 120 18.98 -13.74 27.30
N ARG A 121 18.64 -14.54 26.29
CA ARG A 121 19.38 -15.75 25.86
C ARG A 121 19.27 -15.96 24.34
N LEU A 122 20.25 -16.64 23.74
CA LEU A 122 20.23 -17.02 22.31
C LEU A 122 20.38 -18.53 22.18
N ALA A 123 19.47 -19.22 21.51
CA ALA A 123 19.57 -20.64 21.16
C ALA A 123 19.70 -20.64 19.63
N LEU A 124 20.84 -21.08 19.11
CA LEU A 124 21.12 -21.01 17.69
C LEU A 124 21.26 -22.42 17.12
N ILE A 125 20.62 -22.65 15.97
CA ILE A 125 20.72 -23.94 15.26
C ILE A 125 21.47 -23.74 13.93
N ASP A 126 22.72 -24.16 13.85
CA ASP A 126 23.54 -24.23 12.63
C ASP A 126 23.61 -22.92 11.86
N GLY A 127 23.71 -21.79 12.53
CA GLY A 127 23.87 -20.47 11.92
C GLY A 127 24.55 -19.52 12.86
N LEU A 128 25.29 -18.56 12.34
CA LEU A 128 25.98 -17.57 13.14
C LEU A 128 26.12 -16.24 12.43
N ILE A 129 26.83 -16.23 11.31
CA ILE A 129 27.10 -14.97 10.61
C ILE A 129 26.66 -15.12 9.16
N PRO A 130 26.44 -14.00 8.47
CA PRO A 130 26.09 -14.09 7.05
C PRO A 130 27.33 -14.19 6.18
N TYR A 131 27.13 -14.36 4.87
CA TYR A 131 28.17 -14.10 3.89
C TYR A 131 28.51 -12.61 3.87
N THR A 132 29.80 -12.31 3.78
CA THR A 132 30.34 -10.96 3.87
C THR A 132 30.97 -10.54 2.55
N GLY A 133 31.19 -9.24 2.43
CA GLY A 133 31.82 -8.67 1.27
C GLY A 133 32.63 -7.45 1.70
N GLU A 134 33.86 -7.35 1.20
CA GLU A 134 34.75 -6.27 1.58
C GLU A 134 34.53 -5.05 0.70
N ALA A 135 35.09 -3.92 1.13
CA ALA A 135 34.86 -2.65 0.46
C ALA A 135 35.37 -2.64 -0.96
N ASP A 136 36.35 -3.48 -1.29
CA ASP A 136 36.96 -3.39 -2.61
C ASP A 136 36.03 -3.92 -3.70
N LYS A 137 35.12 -4.83 -3.36
CA LYS A 137 34.08 -5.26 -4.29
C LYS A 137 32.77 -4.47 -4.14
N ALA A 138 32.70 -3.48 -3.27
CA ALA A 138 31.40 -2.92 -2.92
C ALA A 138 30.76 -2.21 -4.11
N PRO A 139 31.46 -1.33 -4.84
CA PRO A 139 30.83 -0.69 -6.01
C PRO A 139 30.31 -1.69 -7.03
N GLN A 140 31.07 -2.76 -7.23
CA GLN A 140 30.63 -3.81 -8.15
C GLN A 140 29.36 -4.45 -7.64
N LYS A 141 29.33 -4.79 -6.36
CA LYS A 141 28.17 -5.44 -5.78
C LYS A 141 26.95 -4.53 -5.82
N LEU A 142 27.13 -3.23 -5.60
CA LEU A 142 25.99 -2.33 -5.69
C LEU A 142 25.49 -2.26 -7.12
N GLY A 143 26.39 -2.22 -8.10
CA GLY A 143 25.95 -2.22 -9.48
C GLY A 143 25.17 -3.46 -9.82
N GLU A 144 25.63 -4.59 -9.30
CA GLU A 144 24.94 -5.84 -9.51
C GLU A 144 23.57 -5.85 -8.81
N ALA A 145 23.47 -5.22 -7.63
CA ALA A 145 22.17 -5.16 -6.97
C ALA A 145 21.21 -4.25 -7.73
N LEU A 146 21.70 -3.14 -8.24
CA LEU A 146 20.86 -2.18 -8.98
C LEU A 146 20.34 -2.86 -10.25
N LYS A 147 21.20 -3.60 -10.94
CA LYS A 147 20.85 -4.30 -12.20
C LYS A 147 19.80 -5.38 -11.91
N ALA A 148 19.94 -6.13 -10.83
CA ALA A 148 18.98 -7.17 -10.43
C ALA A 148 17.62 -6.52 -10.15
N GLN A 149 17.60 -5.36 -9.52
CA GLN A 149 16.37 -4.64 -9.25
C GLN A 149 15.67 -4.23 -10.54
N LEU A 150 16.42 -3.78 -11.54
CA LEU A 150 15.80 -3.43 -12.82
C LEU A 150 15.23 -4.67 -13.52
N ALA A 151 15.91 -5.81 -13.39
CA ALA A 151 15.48 -7.05 -14.03
C ALA A 151 14.42 -7.81 -13.26
N LEU A 152 13.95 -7.29 -12.12
CA LEU A 152 13.13 -8.14 -11.26
C LEU A 152 11.71 -8.31 -11.77
N ARG A 153 11.22 -7.35 -12.54
CA ARG A 153 9.88 -7.48 -13.12
C ARG A 153 9.66 -8.86 -13.74
N HIS A 154 10.70 -9.43 -14.34
CA HIS A 154 10.58 -10.60 -15.21
C HIS A 154 10.61 -11.94 -14.44
N LYS A 155 10.43 -11.93 -13.12
CA LYS A 155 10.50 -13.16 -12.32
C LYS A 155 9.12 -13.78 -12.16
N ARG A 156 9.12 -15.10 -12.17
CA ARG A 156 7.90 -15.93 -12.01
C ARG A 156 8.28 -17.13 -11.15
N LYS A 157 7.29 -17.73 -10.52
CA LYS A 157 7.42 -18.86 -9.59
C LYS A 157 6.92 -20.13 -10.26
N PRO A 158 7.56 -21.30 -10.07
CA PRO A 158 7.07 -22.55 -10.62
C PRO A 158 5.71 -22.98 -10.08
N VAL A 159 4.95 -23.71 -10.87
CA VAL A 159 3.66 -24.27 -10.47
C VAL A 159 3.77 -25.77 -10.47
N TYR A 160 3.30 -26.39 -9.40
CA TYR A 160 3.29 -27.85 -9.21
C TYR A 160 1.85 -28.30 -9.29
N ALA A 161 1.48 -29.09 -10.30
CA ALA A 161 0.12 -29.64 -10.45
C ALA A 161 -0.13 -30.62 -9.30
N GLU A 162 0.89 -31.36 -8.90
CA GLU A 162 0.80 -32.40 -7.85
C GLU A 162 1.54 -31.93 -6.59
N LEU A 163 0.92 -32.13 -5.43
CA LEU A 163 1.48 -31.77 -4.12
C LEU A 163 2.80 -32.52 -3.89
N GLU A 164 2.83 -33.82 -4.14
CA GLU A 164 4.06 -34.59 -4.06
C GLU A 164 5.18 -33.93 -4.85
N LYS A 165 4.85 -33.39 -6.03
CA LYS A 165 5.89 -32.77 -6.85
C LYS A 165 6.39 -31.47 -6.22
N ALA A 166 5.51 -30.76 -5.51
CA ALA A 166 5.94 -29.56 -4.79
C ALA A 166 6.92 -29.92 -3.67
N VAL A 167 6.62 -31.00 -2.95
CA VAL A 167 7.48 -31.50 -1.88
C VAL A 167 8.85 -31.89 -2.42
N GLU A 168 8.87 -32.80 -3.40
CA GLU A 168 10.13 -33.21 -4.00
C GLU A 168 10.91 -32.04 -4.55
N ALA A 169 10.24 -31.00 -5.04
CA ALA A 169 11.02 -29.84 -5.47
C ALA A 169 11.78 -29.22 -4.29
N ARG A 170 11.26 -29.36 -3.06
CA ARG A 170 11.90 -28.76 -1.89
C ARG A 170 13.02 -29.65 -1.34
N MET A 171 12.94 -30.97 -1.57
CA MET A 171 14.04 -31.84 -1.16
C MET A 171 15.28 -31.60 -2.00
N ARG A 172 15.10 -31.39 -3.30
CA ARG A 172 16.24 -31.11 -4.16
C ARG A 172 16.78 -29.72 -3.90
N GLY A 173 15.89 -28.77 -3.63
CA GLY A 173 16.29 -27.39 -3.52
C GLY A 173 17.11 -27.12 -2.27
N VAL A 174 18.02 -26.14 -2.38
CA VAL A 174 18.88 -25.73 -1.29
C VAL A 174 19.61 -26.97 -0.79
N GLY A 175 19.76 -27.11 0.52
CA GLY A 175 20.48 -28.23 1.10
C GLY A 175 19.60 -29.48 1.16
N GLU A 176 20.16 -30.57 1.62
CA GLU A 176 19.42 -31.83 1.74
C GLU A 176 18.54 -31.76 2.99
N ILE A 177 17.24 -31.98 2.88
CA ILE A 177 16.31 -32.11 4.03
C ILE A 177 15.47 -33.35 3.77
N SER A 178 14.95 -33.96 4.81
CA SER A 178 14.13 -35.18 4.74
C SER A 178 12.76 -34.91 4.09
N ARG A 179 12.10 -35.95 3.60
CA ARG A 179 10.77 -35.87 2.95
C ARG A 179 9.78 -35.30 3.97
N GLU A 180 9.84 -35.76 5.20
CA GLU A 180 8.94 -35.31 6.28
C GLU A 180 9.17 -33.83 6.56
N ALA A 181 10.41 -33.37 6.59
CA ALA A 181 10.72 -31.96 6.75
C ALA A 181 10.08 -31.13 5.65
N ALA A 182 10.24 -31.58 4.40
CA ALA A 182 9.71 -30.86 3.25
C ALA A 182 8.19 -30.85 3.26
N GLU A 183 7.56 -31.97 3.66
CA GLU A 183 6.12 -32.00 3.89
C GLU A 183 5.67 -31.00 4.95
N LEU A 184 6.36 -30.98 6.10
CA LEU A 184 5.97 -30.07 7.17
C LEU A 184 6.07 -28.61 6.72
N LEU A 185 7.17 -28.25 6.06
CA LEU A 185 7.27 -26.91 5.54
C LEU A 185 6.21 -26.60 4.48
N ALA A 186 5.85 -27.60 3.65
CA ALA A 186 4.85 -27.42 2.60
C ALA A 186 3.46 -27.09 3.15
N GLN A 187 3.13 -27.56 4.34
CA GLN A 187 1.81 -27.32 4.96
C GLN A 187 1.57 -25.82 5.15
N ARG A 188 2.63 -25.06 5.43
CA ARG A 188 2.59 -23.60 5.67
C ARG A 188 3.20 -22.82 4.50
N GLY A 189 3.85 -23.46 3.54
CA GLY A 189 4.58 -22.77 2.46
C GLY A 189 3.95 -22.82 1.09
N LEU A 190 2.86 -23.55 0.92
CA LEU A 190 2.20 -23.67 -0.39
C LEU A 190 0.94 -22.81 -0.46
N GLU A 191 0.78 -22.15 -1.58
CA GLU A 191 -0.48 -21.52 -1.89
C GLU A 191 -1.09 -22.07 -3.17
N PRO A 192 -2.41 -22.05 -3.27
CA PRO A 192 -3.08 -22.55 -4.48
C PRO A 192 -3.05 -21.53 -5.59
N VAL A 193 -2.86 -22.03 -6.80
CA VAL A 193 -2.83 -21.21 -8.01
C VAL A 193 -3.58 -22.00 -9.08
N PRO A 194 -3.91 -21.39 -10.21
CA PRO A 194 -4.68 -22.13 -11.25
C PRO A 194 -3.90 -23.37 -11.65
N GLY A 195 -4.51 -24.52 -11.44
CA GLY A 195 -3.81 -25.75 -11.71
C GLY A 195 -2.63 -26.01 -10.79
N GLY A 196 -2.86 -25.86 -9.48
CA GLY A 196 -1.97 -26.50 -8.54
C GLY A 196 -1.46 -25.62 -7.43
N TYR A 197 -0.17 -25.76 -7.15
CA TYR A 197 0.46 -25.15 -6.00
C TYR A 197 1.76 -24.47 -6.41
N THR A 198 2.12 -23.48 -5.62
CA THR A 198 3.36 -22.69 -5.75
C THR A 198 3.91 -22.51 -4.33
N TRP A 199 5.22 -22.52 -4.15
CA TRP A 199 5.84 -22.26 -2.83
C TRP A 199 5.69 -20.74 -2.64
N ARG A 200 4.88 -20.29 -1.69
CA ARG A 200 4.58 -18.85 -1.50
C ARG A 200 5.88 -18.12 -1.23
N THR A 201 6.14 -17.05 -1.94
CA THR A 201 7.41 -16.37 -1.79
C THR A 201 7.34 -15.00 -2.46
N ASP A 202 8.29 -14.16 -2.11
CA ASP A 202 8.42 -12.83 -2.68
C ASP A 202 9.66 -12.87 -3.58
N ALA A 203 9.47 -12.51 -4.84
CA ALA A 203 10.60 -12.51 -5.76
C ALA A 203 11.72 -11.59 -5.29
N ARG A 204 11.41 -10.59 -4.47
CA ARG A 204 12.48 -9.74 -3.98
C ARG A 204 13.46 -10.52 -3.12
N LEU A 205 13.04 -11.66 -2.57
CA LEU A 205 13.91 -12.44 -1.72
C LEU A 205 15.12 -12.96 -2.50
N THR A 206 15.08 -12.94 -3.85
CA THR A 206 16.21 -13.38 -4.67
C THR A 206 17.21 -12.28 -4.94
N LEU A 207 16.90 -11.03 -4.59
CA LEU A 207 17.78 -9.94 -4.94
C LEU A 207 19.06 -10.04 -4.12
N PRO A 208 20.19 -9.62 -4.68
CA PRO A 208 21.41 -9.53 -3.86
C PRO A 208 21.40 -8.25 -3.04
N SER A 209 22.07 -8.30 -1.90
CA SER A 209 22.13 -7.13 -1.04
C SER A 209 22.86 -5.99 -1.75
N PRO A 210 22.42 -4.74 -1.58
CA PRO A 210 23.20 -3.65 -2.13
C PRO A 210 24.47 -3.35 -1.34
N LEU A 211 24.51 -3.72 -0.06
CA LEU A 211 25.69 -3.48 0.79
C LEU A 211 25.84 -4.67 1.72
N ARG A 212 26.78 -5.56 1.45
CA ARG A 212 27.05 -6.72 2.33
C ARG A 212 27.79 -6.24 3.57
N LEU A 213 27.62 -6.92 4.69
CA LEU A 213 28.42 -6.66 5.90
C LEU A 213 29.85 -7.12 5.59
N THR A 214 30.86 -6.37 5.97
CA THR A 214 32.22 -6.86 5.86
C THR A 214 32.47 -7.91 6.93
N GLN A 215 33.57 -8.65 6.75
CA GLN A 215 33.99 -9.59 7.78
C GLN A 215 34.13 -8.93 9.13
N ALA A 216 34.66 -7.70 9.17
CA ALA A 216 34.77 -7.01 10.45
C ALA A 216 33.40 -6.65 11.03
N HIS A 217 32.46 -6.23 10.19
CA HIS A 217 31.08 -6.03 10.68
C HIS A 217 30.54 -7.28 11.37
N ALA A 218 30.58 -8.41 10.64
CA ALA A 218 30.05 -9.66 11.19
C ALA A 218 30.71 -10.06 12.49
N LEU A 219 32.05 -9.95 12.56
CA LEU A 219 32.74 -10.39 13.78
C LEU A 219 32.45 -9.44 14.95
N ASN A 220 32.28 -8.16 14.68
CA ASN A 220 31.94 -7.17 15.71
C ASN A 220 30.54 -7.48 16.27
N PHE A 221 29.58 -7.86 15.43
CA PHE A 221 28.21 -8.22 15.89
C PHE A 221 28.30 -9.44 16.80
N VAL A 222 29.06 -10.46 16.41
CA VAL A 222 29.20 -11.71 17.19
C VAL A 222 29.87 -11.37 18.51
N ARG A 223 30.88 -10.53 18.46
CA ARG A 223 31.64 -10.11 19.62
CA ARG A 223 31.65 -10.10 19.61
C ARG A 223 30.80 -9.25 20.55
N SER A 224 29.83 -8.52 20.00
CA SER A 224 28.94 -7.62 20.76
C SER A 224 27.82 -8.38 21.50
N VAL A 225 27.60 -9.65 21.21
CA VAL A 225 26.55 -10.41 21.93
C VAL A 225 26.93 -10.42 23.41
N GLU A 226 26.01 -10.09 24.32
CA GLU A 226 26.33 -10.02 25.75
C GLU A 226 25.69 -11.18 26.50
N CYS A 227 24.74 -11.88 25.91
CA CYS A 227 23.97 -12.87 26.64
C CYS A 227 24.52 -14.27 26.46
N PRO A 228 24.12 -15.19 27.34
CA PRO A 228 24.45 -16.60 27.15
C PRO A 228 23.93 -17.06 25.80
N VAL A 229 24.73 -17.90 25.14
CA VAL A 229 24.43 -18.40 23.81
C VAL A 229 24.64 -19.91 23.81
N SER A 230 23.65 -20.66 23.29
CA SER A 230 23.78 -22.08 23.00
C SER A 230 23.73 -22.30 21.50
N LEU A 231 24.82 -22.83 20.94
CA LEU A 231 24.92 -23.11 19.53
C LEU A 231 24.94 -24.61 19.21
N VAL A 232 24.03 -25.02 18.33
CA VAL A 232 23.99 -26.41 17.84
C VAL A 232 24.59 -26.46 16.46
N LEU A 233 25.48 -27.43 16.25
CA LEU A 233 26.25 -27.58 15.03
C LEU A 233 25.96 -28.95 14.46
N ALA A 234 25.37 -28.97 13.28
CA ALA A 234 24.97 -30.19 12.57
C ALA A 234 26.23 -30.81 11.97
N GLU A 235 26.44 -32.11 12.14
CA GLU A 235 27.81 -32.72 11.50
CA GLU A 235 27.76 -32.69 11.57
C GLU A 235 28.00 -32.49 10.00
N GLN A 236 26.87 -32.56 9.30
CA GLN A 236 26.73 -32.40 7.84
C GLN A 236 26.14 -31.04 7.46
N GLY A 237 26.08 -30.06 8.36
CA GLY A 237 25.58 -28.74 8.06
C GLY A 237 26.68 -27.71 7.85
N MET A 238 26.57 -26.56 8.54
CA MET A 238 27.47 -25.42 8.38
C MET A 238 28.95 -25.75 8.37
N LEU A 239 29.42 -26.49 9.37
CA LEU A 239 30.86 -26.72 9.53
C LEU A 239 31.42 -27.62 8.43
N ALA A 240 30.64 -28.60 7.98
CA ALA A 240 31.05 -29.39 6.83
C ALA A 240 31.18 -28.52 5.58
N VAL A 241 30.37 -27.46 5.49
CA VAL A 241 30.42 -26.58 4.34
C VAL A 241 31.56 -25.58 4.46
N GLU A 242 31.99 -25.25 5.68
CA GLU A 242 32.96 -24.19 5.90
C GLU A 242 33.71 -24.41 7.21
N PRO A 243 34.79 -25.21 7.13
CA PRO A 243 35.63 -25.60 8.27
C PRO A 243 36.46 -24.44 8.83
N ARG A 244 36.45 -23.28 8.18
CA ARG A 244 37.10 -22.04 8.69
C ARG A 244 36.37 -21.54 9.95
N MET A 245 35.08 -21.82 10.06
CA MET A 245 34.20 -21.46 11.20
C MET A 245 34.75 -22.06 12.49
N ARG A 246 35.31 -23.27 12.45
CA ARG A 246 35.71 -24.01 13.66
C ARG A 246 36.68 -23.19 14.48
N ALA A 247 37.61 -22.49 13.86
CA ALA A 247 38.56 -21.65 14.59
C ALA A 247 37.90 -20.40 15.15
N LEU A 248 36.95 -19.82 14.41
CA LEU A 248 36.20 -18.70 14.99
C LEU A 248 35.47 -19.14 16.25
N LEU A 249 34.76 -20.26 16.18
CA LEU A 249 33.90 -20.73 17.29
C LEU A 249 34.74 -20.91 18.54
N GLU A 250 35.99 -21.33 18.39
CA GLU A 250 36.95 -21.56 19.51
C GLU A 250 37.27 -20.24 20.23
N THR A 251 37.15 -19.07 19.61
CA THR A 251 37.36 -17.75 20.23
C THR A 251 36.07 -17.14 20.79
N LEU A 252 34.96 -17.86 20.86
CA LEU A 252 33.71 -17.27 21.29
C LEU A 252 33.22 -17.99 22.54
N PRO A 253 32.58 -17.29 23.42
CA PRO A 253 32.13 -17.93 24.65
C PRO A 253 30.81 -18.67 24.50
N PHE A 254 30.39 -18.99 23.28
CA PHE A 254 29.12 -19.72 23.12
C PHE A 254 29.28 -21.17 23.56
N GLU A 255 28.25 -21.73 24.20
CA GLU A 255 28.17 -23.18 24.39
C GLU A 255 27.94 -23.85 23.03
N ARG A 256 28.69 -24.91 22.76
CA ARG A 256 28.64 -25.57 21.45
C ARG A 256 28.24 -27.03 21.66
N HIS A 257 27.29 -27.51 20.87
CA HIS A 257 26.88 -28.90 20.93
C HIS A 257 26.91 -29.45 19.52
N HIS A 258 27.75 -30.47 19.30
CA HIS A 258 27.92 -31.08 18.01
C HIS A 258 26.95 -32.24 17.93
N LEU A 259 26.09 -32.25 16.90
CA LEU A 259 25.12 -33.31 16.81
C LEU A 259 25.05 -33.84 15.39
N PRO A 260 24.58 -35.05 15.21
CA PRO A 260 24.53 -35.62 13.85
C PRO A 260 23.44 -34.96 13.02
N GLY A 261 23.55 -35.14 11.72
CA GLY A 261 22.46 -34.80 10.83
C GLY A 261 22.82 -33.65 9.92
N GLY A 262 21.81 -33.20 9.17
CA GLY A 262 21.98 -32.11 8.24
C GLY A 262 21.65 -30.74 8.82
N HIS A 263 21.66 -29.74 7.93
CA HIS A 263 21.38 -28.37 8.31
C HIS A 263 20.01 -28.18 8.97
N HIS A 264 19.04 -29.01 8.61
CA HIS A 264 17.71 -28.99 9.22
C HIS A 264 17.55 -30.10 10.24
N LEU A 265 18.59 -30.41 11.02
CA LEU A 265 18.54 -31.58 11.88
C LEU A 265 17.38 -31.56 12.85
N HIS A 266 16.96 -30.38 13.29
CA HIS A 266 15.85 -30.18 14.25
C HIS A 266 14.50 -30.53 13.62
N LEU A 267 14.38 -30.47 12.31
CA LEU A 267 13.12 -30.77 11.58
C LEU A 267 13.14 -32.08 10.81
N ASP A 268 14.31 -32.60 10.44
CA ASP A 268 14.44 -33.78 9.55
C ASP A 268 13.75 -34.99 10.18
N ASP A 269 13.90 -35.21 11.47
CA ASP A 269 13.34 -36.40 12.07
C ASP A 269 13.19 -36.19 13.56
N GLU A 270 12.50 -37.12 14.20
CA GLU A 270 12.26 -36.98 15.62
C GLU A 270 13.55 -37.14 16.42
N ALA A 271 14.50 -37.94 15.91
CA ALA A 271 15.79 -38.12 16.58
C ALA A 271 16.54 -36.80 16.71
N GLY A 272 16.65 -36.04 15.61
CA GLY A 272 17.25 -34.74 15.71
C GLY A 272 16.46 -33.79 16.59
N ALA A 273 15.13 -33.78 16.44
CA ALA A 273 14.32 -32.88 17.24
C ALA A 273 14.59 -33.09 18.70
N GLN A 274 14.64 -34.35 19.12
CA GLN A 274 14.79 -34.64 20.54
C GLN A 274 16.17 -34.22 21.06
N ALA A 275 17.19 -34.47 20.27
CA ALA A 275 18.53 -34.17 20.70
C ALA A 275 18.71 -32.66 20.81
N VAL A 276 18.24 -31.90 19.82
CA VAL A 276 18.27 -30.46 19.96
C VAL A 276 17.47 -30.03 21.18
N ALA A 277 16.29 -30.63 21.38
CA ALA A 277 15.47 -30.22 22.49
C ALA A 277 16.18 -30.44 23.83
N ARG A 278 16.90 -31.56 23.96
CA ARG A 278 17.57 -31.83 25.23
C ARG A 278 18.58 -30.73 25.52
N VAL A 279 19.33 -30.33 24.51
CA VAL A 279 20.36 -29.28 24.67
C VAL A 279 19.72 -27.95 25.08
N PHE A 280 18.70 -27.49 24.37
CA PHE A 280 18.02 -26.20 24.59
C PHE A 280 17.23 -26.20 25.90
N ALA A 281 16.59 -27.29 26.26
CA ALA A 281 15.79 -27.42 27.50
C ALA A 281 16.72 -27.22 28.70
N ALA A 282 17.92 -27.78 28.68
CA ALA A 282 18.86 -27.56 29.78
C ALA A 282 19.40 -26.12 29.75
N PHE A 283 19.65 -25.58 28.57
CA PHE A 283 20.19 -24.21 28.43
C PHE A 283 19.19 -23.17 28.98
N PHE A 284 17.91 -23.31 28.64
CA PHE A 284 16.83 -22.39 29.02
C PHE A 284 16.52 -22.47 30.51
N ALA A 285 16.82 -23.59 31.16
CA ALA A 285 16.65 -23.78 32.61
C ALA A 285 17.69 -22.96 33.38
N ARG A 286 18.72 -22.43 32.73
CA ARG A 286 19.77 -21.60 33.36
C ARG A 286 19.68 -20.16 32.85
N SER B 2 3.12 25.58 -29.82
CA SER B 2 2.56 24.79 -28.72
C SER B 2 3.12 25.18 -27.35
N LEU B 3 2.31 24.96 -26.31
CA LEU B 3 2.79 25.05 -24.94
C LEU B 3 3.66 23.83 -24.61
N GLN B 4 4.53 24.00 -23.62
CA GLN B 4 5.50 22.96 -23.25
C GLN B 4 5.19 22.38 -21.88
N VAL B 5 5.56 21.11 -21.72
CA VAL B 5 5.33 20.37 -20.49
C VAL B 5 6.49 20.64 -19.54
N GLU B 6 6.20 21.30 -18.43
CA GLU B 6 7.23 21.69 -17.45
C GLU B 6 7.25 20.84 -16.19
N GLU B 7 6.09 20.48 -15.66
CA GLU B 7 5.90 19.68 -14.43
C GLU B 7 5.33 18.32 -14.79
N VAL B 8 5.95 17.23 -14.38
CA VAL B 8 5.42 15.90 -14.66
C VAL B 8 5.52 15.00 -13.44
N ARG B 9 4.70 13.94 -13.47
CA ARG B 9 4.87 12.75 -12.64
C ARG B 9 5.65 11.72 -13.44
N ILE B 10 6.53 10.98 -12.77
CA ILE B 10 7.27 9.89 -13.38
C ILE B 10 6.95 8.61 -12.60
N SER B 11 6.32 7.65 -13.26
CA SER B 11 5.81 6.45 -12.61
C SER B 11 6.87 5.38 -12.66
N LEU B 12 7.33 4.98 -11.50
CA LEU B 12 8.21 3.85 -11.37
C LEU B 12 7.41 2.68 -10.84
N PRO B 13 7.95 1.48 -10.90
CA PRO B 13 7.14 0.31 -10.49
C PRO B 13 6.69 0.39 -9.04
N HIS B 14 7.50 0.96 -8.16
CA HIS B 14 7.25 0.99 -6.74
C HIS B 14 6.85 2.36 -6.19
N ILE B 15 6.97 3.43 -6.97
CA ILE B 15 6.73 4.77 -6.43
C ILE B 15 6.57 5.73 -7.59
N GLU B 16 5.88 6.83 -7.35
CA GLU B 16 5.64 7.86 -8.33
C GLU B 16 6.29 9.15 -7.86
N LEU B 17 7.21 9.68 -8.67
CA LEU B 17 7.96 10.86 -8.33
C LEU B 17 7.49 12.05 -9.15
N ALA B 18 7.81 13.25 -8.64
CA ALA B 18 7.59 14.52 -9.31
C ALA B 18 8.90 15.01 -9.90
N ALA B 19 8.81 15.73 -11.02
CA ALA B 19 9.98 16.40 -11.59
C ALA B 19 9.57 17.65 -12.36
N HIS B 20 10.49 18.62 -12.40
CA HIS B 20 10.41 19.78 -13.29
C HIS B 20 11.42 19.59 -14.42
N LEU B 21 10.97 19.84 -15.64
CA LEU B 21 11.80 19.66 -16.83
C LEU B 21 12.33 21.02 -17.28
N PHE B 22 13.65 21.10 -17.50
CA PHE B 22 14.28 22.31 -18.03
C PHE B 22 14.92 22.00 -19.37
N GLY B 23 14.88 22.98 -20.28
CA GLY B 23 15.77 23.01 -21.42
C GLY B 23 15.26 22.35 -22.68
N PRO B 24 16.04 22.52 -23.76
CA PRO B 24 15.61 22.00 -25.07
C PRO B 24 15.39 20.49 -25.04
N PRO B 25 14.24 20.03 -25.55
CA PRO B 25 13.93 18.59 -25.51
C PRO B 25 14.99 17.74 -26.16
N ASP B 26 15.88 18.32 -26.95
CA ASP B 26 16.97 17.59 -27.60
C ASP B 26 18.32 17.77 -26.91
N GLY B 27 18.35 18.46 -25.78
CA GLY B 27 19.61 18.82 -25.13
C GLY B 27 20.28 17.63 -24.45
N LYS B 28 21.47 17.91 -23.90
CA LYS B 28 22.22 16.94 -23.11
C LYS B 28 21.35 16.38 -21.99
N PRO B 29 21.21 15.06 -21.87
CA PRO B 29 20.37 14.49 -20.81
C PRO B 29 21.08 14.57 -19.46
N VAL B 30 20.47 15.31 -18.54
CA VAL B 30 20.95 15.45 -17.17
C VAL B 30 19.77 15.27 -16.21
N ILE B 31 19.98 14.45 -15.17
CA ILE B 31 19.07 14.42 -14.03
C ILE B 31 19.73 15.19 -12.89
N ALA B 32 18.99 16.17 -12.35
CA ALA B 32 19.46 16.99 -11.24
C ALA B 32 18.87 16.51 -9.91
N LEU B 33 19.74 16.33 -8.92
CA LEU B 33 19.43 15.70 -7.64
C LEU B 33 19.73 16.66 -6.49
N HIS B 34 18.73 16.93 -5.65
CA HIS B 34 18.84 17.90 -4.59
C HIS B 34 19.38 17.31 -3.28
N GLY B 35 19.46 18.14 -2.27
CA GLY B 35 19.99 17.72 -0.99
C GLY B 35 18.90 17.23 -0.03
N TRP B 36 19.34 16.62 1.06
CA TRP B 36 18.46 16.09 2.09
C TRP B 36 17.47 17.16 2.54
N LEU B 37 16.19 16.81 2.56
CA LEU B 37 15.09 17.67 2.98
C LEU B 37 14.86 18.83 2.03
N ASP B 38 15.56 18.89 0.89
CA ASP B 38 15.24 19.94 -0.07
C ASP B 38 14.27 19.37 -1.10
N ASN B 39 14.28 19.91 -2.31
CA ASN B 39 13.38 19.52 -3.39
C ASN B 39 13.92 20.13 -4.69
N ALA B 40 13.20 19.93 -5.77
CA ALA B 40 13.70 20.37 -7.08
C ALA B 40 13.92 21.88 -7.18
N MET B 41 13.28 22.69 -6.33
CA MET B 41 13.54 24.13 -6.38
C MET B 41 15.01 24.44 -6.10
N SER B 42 15.74 23.51 -5.52
CA SER B 42 17.15 23.70 -5.35
C SER B 42 17.84 24.10 -6.65
N PHE B 43 17.24 23.80 -7.81
CA PHE B 43 17.88 24.08 -9.09
C PHE B 43 17.15 25.18 -9.86
N SER B 44 16.28 25.91 -9.17
CA SER B 44 15.42 26.93 -9.80
C SER B 44 16.28 28.03 -10.45
N ARG B 45 17.31 28.54 -9.78
CA ARG B 45 18.22 29.54 -10.36
C ARG B 45 19.17 28.91 -11.37
N LEU B 46 19.79 27.80 -10.99
CA LEU B 46 20.87 27.12 -11.76
C LEU B 46 20.46 26.47 -13.08
N ALA B 47 19.40 25.67 -13.14
CA ALA B 47 19.12 24.93 -14.37
C ALA B 47 18.74 25.83 -15.54
N PRO B 48 18.01 26.93 -15.36
CA PRO B 48 17.72 27.81 -16.51
C PRO B 48 18.97 28.35 -17.19
N LYS B 49 20.08 28.43 -16.48
CA LYS B 49 21.32 28.96 -17.01
C LYS B 49 22.22 27.89 -17.63
N LEU B 50 21.75 26.67 -17.83
CA LEU B 50 22.61 25.66 -18.45
C LEU B 50 22.05 25.27 -19.81
N ALA B 51 22.16 26.19 -20.76
CA ALA B 51 21.62 25.99 -22.09
C ALA B 51 22.23 24.75 -22.75
N GLY B 52 21.49 24.17 -23.69
CA GLY B 52 21.90 22.95 -24.34
C GLY B 52 21.70 21.69 -23.51
N LEU B 53 21.34 21.83 -22.24
CA LEU B 53 21.12 20.70 -21.34
C LEU B 53 19.63 20.45 -21.14
N ARG B 54 19.23 19.19 -21.24
CA ARG B 54 17.86 18.77 -20.93
C ARG B 54 17.89 18.23 -19.49
N ILE B 55 17.47 19.07 -18.54
CA ILE B 55 17.64 18.80 -17.13
C ILE B 55 16.31 18.34 -16.53
N VAL B 56 16.29 17.13 -16.00
CA VAL B 56 15.18 16.62 -15.20
C VAL B 56 15.49 16.89 -13.74
N ALA B 57 14.84 17.91 -13.17
CA ALA B 57 15.03 18.25 -11.75
C ALA B 57 14.05 17.42 -10.92
N LEU B 58 14.58 16.37 -10.31
CA LEU B 58 13.78 15.35 -9.64
C LEU B 58 13.56 15.64 -8.17
N ASP B 59 12.31 15.52 -7.72
CA ASP B 59 12.04 15.38 -6.29
C ASP B 59 12.37 13.97 -5.85
N PHE B 60 13.31 13.82 -4.94
CA PHE B 60 13.55 12.51 -4.33
C PHE B 60 12.28 12.02 -3.61
N ALA B 61 12.12 10.70 -3.53
CA ALA B 61 11.05 10.15 -2.71
C ALA B 61 11.01 10.87 -1.37
N GLY B 62 9.82 11.14 -0.90
CA GLY B 62 9.67 11.78 0.40
C GLY B 62 9.92 13.27 0.44
N HIS B 63 10.23 13.91 -0.69
CA HIS B 63 10.60 15.32 -0.74
C HIS B 63 9.73 16.04 -1.77
N GLY B 64 9.53 17.34 -1.54
CA GLY B 64 8.84 18.15 -2.56
C GLY B 64 7.46 17.60 -2.87
N HIS B 65 7.22 17.28 -4.14
CA HIS B 65 5.93 16.75 -4.55
C HIS B 65 5.97 15.27 -4.93
N SER B 66 7.07 14.58 -4.69
CA SER B 66 7.13 13.17 -4.98
C SER B 66 6.33 12.44 -3.90
N ALA B 67 5.83 11.25 -4.24
CA ALA B 67 5.16 10.43 -3.23
C ALA B 67 6.16 10.09 -2.13
N HIS B 68 5.62 9.81 -0.94
CA HIS B 68 6.34 9.16 0.14
C HIS B 68 6.44 7.68 -0.15
N ARG B 69 7.47 7.03 0.39
CA ARG B 69 7.59 5.60 0.17
C ARG B 69 6.52 4.85 0.93
N ALA B 70 6.24 3.63 0.48
CA ALA B 70 5.26 2.81 1.18
C ALA B 70 5.74 2.46 2.59
N GLU B 71 4.80 1.98 3.38
CA GLU B 71 5.02 1.56 4.75
C GLU B 71 6.18 0.59 4.82
N GLY B 72 7.09 0.85 5.76
CA GLY B 72 8.23 -0.02 6.02
C GLY B 72 9.42 0.16 5.10
N ALA B 73 9.31 0.97 4.05
CA ALA B 73 10.43 1.13 3.14
C ALA B 73 11.40 2.18 3.69
N SER B 74 12.69 1.98 3.43
CA SER B 74 13.77 2.81 3.94
C SER B 74 14.11 3.97 3.01
N TYR B 75 14.76 5.00 3.57
CA TYR B 75 15.30 6.10 2.77
C TYR B 75 16.82 6.09 2.80
N LEU B 76 17.45 5.04 2.30
CA LEU B 76 18.90 4.96 2.32
C LEU B 76 19.48 5.47 1.01
N LEU B 77 20.79 5.78 1.02
CA LEU B 77 21.43 6.37 -0.15
C LEU B 77 21.20 5.52 -1.38
N TRP B 78 21.33 4.21 -1.25
CA TRP B 78 21.22 3.36 -2.43
C TRP B 78 19.76 3.12 -2.83
N ASP B 79 18.80 3.49 -2.00
CA ASP B 79 17.41 3.48 -2.46
C ASP B 79 17.17 4.63 -3.41
N TYR B 80 17.68 5.83 -3.06
CA TYR B 80 17.63 6.97 -3.97
C TYR B 80 18.30 6.61 -5.28
N ALA B 81 19.45 5.95 -5.20
CA ALA B 81 20.19 5.58 -6.40
C ALA B 81 19.37 4.70 -7.31
N LEU B 82 18.69 3.69 -6.75
CA LEU B 82 17.81 2.88 -7.60
C LEU B 82 16.71 3.73 -8.19
N ASP B 83 16.13 4.63 -7.40
CA ASP B 83 15.06 5.44 -7.99
C ASP B 83 15.58 6.22 -9.18
N VAL B 84 16.77 6.79 -9.07
CA VAL B 84 17.35 7.64 -10.15
C VAL B 84 17.51 6.79 -11.41
N LEU B 85 17.99 5.57 -11.26
CA LEU B 85 18.20 4.62 -12.37
C LEU B 85 16.87 4.33 -13.06
N MET B 86 15.83 4.08 -12.28
CA MET B 86 14.48 3.78 -12.78
C MET B 86 13.90 5.03 -13.46
N VAL B 87 14.19 6.22 -12.99
CA VAL B 87 13.73 7.42 -13.67
C VAL B 87 14.34 7.48 -15.08
N ALA B 88 15.64 7.25 -15.18
CA ALA B 88 16.32 7.18 -16.47
C ALA B 88 15.67 6.14 -17.39
N GLU B 89 15.40 4.94 -16.86
CA GLU B 89 14.73 3.91 -17.66
C GLU B 89 13.38 4.40 -18.15
N GLN B 90 12.59 4.98 -17.25
CA GLN B 90 11.26 5.48 -17.60
C GLN B 90 11.36 6.59 -18.64
N LEU B 91 12.45 7.32 -18.64
CA LEU B 91 12.64 8.35 -19.65
C LEU B 91 13.19 7.81 -20.96
N GLY B 92 13.55 6.52 -21.02
CA GLY B 92 14.24 5.96 -22.18
C GLY B 92 15.66 6.46 -22.37
N TRP B 93 16.34 6.82 -21.29
CA TRP B 93 17.71 7.28 -21.32
C TRP B 93 18.62 6.11 -20.97
N GLU B 94 19.62 5.79 -21.79
CA GLU B 94 20.56 4.70 -21.43
C GLU B 94 21.80 5.30 -20.76
N ARG B 95 22.37 6.33 -21.35
CA ARG B 95 23.56 7.03 -20.82
C ARG B 95 23.10 8.42 -20.44
N PHE B 96 23.52 8.98 -19.32
CA PHE B 96 23.08 10.33 -18.91
C PHE B 96 24.05 10.94 -17.93
N SER B 97 23.95 12.24 -17.74
CA SER B 97 24.75 12.94 -16.75
C SER B 97 23.97 13.21 -15.48
N LEU B 98 24.72 13.48 -14.41
CA LEU B 98 24.13 13.80 -13.13
C LEU B 98 24.66 15.14 -12.63
N LEU B 99 23.74 15.97 -12.19
CA LEU B 99 24.01 17.22 -11.52
C LEU B 99 23.43 17.10 -10.12
N GLY B 100 24.29 17.05 -9.12
CA GLY B 100 23.85 16.80 -7.75
C GLY B 100 24.34 17.83 -6.78
N HIS B 101 23.46 18.24 -5.87
CA HIS B 101 23.80 19.03 -4.70
C HIS B 101 23.80 18.19 -3.43
N SER B 102 24.93 18.20 -2.70
CA SER B 102 25.00 17.67 -1.34
C SER B 102 24.58 16.22 -1.35
N MET B 103 23.53 15.81 -0.62
CA MET B 103 23.12 14.41 -0.69
C MET B 103 23.01 13.93 -2.15
N GLY B 104 22.45 14.77 -3.02
CA GLY B 104 22.30 14.40 -4.42
C GLY B 104 23.62 14.10 -5.09
N ALA B 105 24.68 14.84 -4.71
CA ALA B 105 26.01 14.54 -5.25
C ALA B 105 26.54 13.23 -4.69
N ILE B 106 26.26 12.95 -3.41
CA ILE B 106 26.69 11.65 -2.88
C ILE B 106 26.02 10.52 -3.64
N VAL B 107 24.71 10.65 -3.90
CA VAL B 107 24.00 9.62 -4.66
C VAL B 107 24.63 9.48 -6.05
N SER B 108 24.97 10.61 -6.67
CA SER B 108 25.50 10.56 -8.02
C SER B 108 26.83 9.81 -8.06
N VAL B 109 27.68 10.02 -7.05
CA VAL B 109 28.95 9.30 -6.98
C VAL B 109 28.73 7.80 -6.80
N LEU B 110 27.77 7.41 -5.95
CA LEU B 110 27.47 5.98 -5.83
C LEU B 110 27.07 5.39 -7.16
N LEU B 111 26.24 6.13 -7.90
CA LEU B 111 25.76 5.64 -9.20
C LEU B 111 26.92 5.49 -10.19
N ALA B 112 27.73 6.55 -10.34
CA ALA B 112 28.84 6.48 -11.27
C ALA B 112 29.79 5.36 -10.90
N GLY B 113 30.04 5.18 -9.60
CA GLY B 113 30.97 4.16 -9.17
C GLY B 113 30.44 2.76 -9.40
N ALA B 114 29.14 2.57 -9.26
CA ALA B 114 28.54 1.26 -9.36
C ALA B 114 28.23 0.86 -10.80
N LEU B 115 27.82 1.81 -11.62
CA LEU B 115 27.45 1.59 -13.03
C LEU B 115 28.20 2.62 -13.88
N PRO B 116 29.53 2.48 -14.11
CA PRO B 116 30.26 3.46 -14.89
C PRO B 116 29.79 3.57 -16.34
N GLU B 117 29.25 2.49 -16.91
CA GLU B 117 28.75 2.42 -18.30
C GLU B 117 27.51 3.31 -18.48
N ARG B 118 26.88 3.82 -17.42
CA ARG B 118 25.65 4.58 -17.60
C ARG B 118 25.82 6.08 -17.45
N ILE B 119 26.87 6.54 -16.79
CA ILE B 119 26.97 7.93 -16.37
C ILE B 119 28.01 8.66 -17.23
N GLU B 120 27.54 9.67 -17.95
CA GLU B 120 28.39 10.41 -18.87
C GLU B 120 29.33 11.34 -18.12
N ARG B 121 28.79 12.10 -17.18
CA ARG B 121 29.50 13.17 -16.49
C ARG B 121 28.85 13.41 -15.13
N LEU B 122 29.68 13.73 -14.16
CA LEU B 122 29.22 14.22 -12.86
C LEU B 122 29.51 15.71 -12.71
N ALA B 123 28.48 16.47 -12.39
CA ALA B 123 28.65 17.85 -11.95
C ALA B 123 28.15 17.92 -10.52
N LEU B 124 29.07 18.10 -9.58
CA LEU B 124 28.78 17.97 -8.16
C LEU B 124 28.92 19.30 -7.45
N ILE B 125 27.96 19.61 -6.61
CA ILE B 125 27.96 20.85 -5.84
C ILE B 125 28.02 20.53 -4.36
N ASP B 126 29.17 20.83 -3.77
CA ASP B 126 29.40 20.81 -2.31
C ASP B 126 28.97 19.49 -1.69
N GLY B 127 29.31 18.36 -2.29
CA GLY B 127 29.14 17.04 -1.73
C GLY B 127 29.95 16.01 -2.48
N LEU B 128 30.31 14.91 -1.81
CA LEU B 128 31.12 13.91 -2.47
C LEU B 128 30.94 12.52 -1.88
N ILE B 129 31.18 12.38 -0.57
CA ILE B 129 30.98 11.09 0.08
C ILE B 129 30.16 11.34 1.33
N PRO B 130 29.51 10.30 1.82
CA PRO B 130 28.74 10.45 3.06
C PRO B 130 29.65 10.34 4.27
N TYR B 131 29.13 10.77 5.41
CA TYR B 131 29.74 10.39 6.69
C TYR B 131 29.83 8.88 6.76
N THR B 132 30.96 8.39 7.23
CA THR B 132 31.19 6.97 7.29
C THR B 132 31.17 6.50 8.73
N GLY B 133 31.35 5.20 8.90
CA GLY B 133 31.36 4.59 10.21
C GLY B 133 32.01 3.24 10.10
N GLU B 134 32.82 2.90 11.09
CA GLU B 134 33.65 1.72 11.02
C GLU B 134 32.97 0.55 11.70
N ALA B 135 33.50 -0.62 11.43
CA ALA B 135 32.84 -1.84 11.86
C ALA B 135 32.72 -1.93 13.37
N ASP B 136 33.65 -1.30 14.12
CA ASP B 136 33.64 -1.47 15.56
C ASP B 136 32.50 -0.70 16.22
N LYS B 137 31.91 0.24 15.51
CA LYS B 137 30.79 1.00 16.00
C LYS B 137 29.45 0.49 15.42
N ALA B 138 29.50 -0.52 14.57
CA ALA B 138 28.30 -0.84 13.76
C ALA B 138 27.20 -1.48 14.60
N PRO B 139 27.52 -2.35 15.58
CA PRO B 139 26.44 -2.89 16.43
C PRO B 139 25.72 -1.79 17.17
N GLN B 140 26.45 -0.82 17.71
CA GLN B 140 25.82 0.26 18.46
C GLN B 140 24.97 1.15 17.55
N LYS B 141 25.47 1.42 16.35
CA LYS B 141 24.73 2.23 15.41
C LYS B 141 23.44 1.53 14.95
N LEU B 142 23.50 0.22 14.68
CA LEU B 142 22.25 -0.50 14.36
C LEU B 142 21.29 -0.38 15.54
N GLY B 143 21.79 -0.52 16.76
CA GLY B 143 20.93 -0.40 17.91
C GLY B 143 20.25 0.94 18.00
N GLU B 144 21.00 2.02 17.72
CA GLU B 144 20.40 3.36 17.74
C GLU B 144 19.36 3.51 16.62
N ALA B 145 19.62 2.94 15.45
CA ALA B 145 18.65 3.02 14.38
C ALA B 145 17.36 2.27 14.75
N LEU B 146 17.50 1.08 15.36
CA LEU B 146 16.33 0.30 15.75
C LEU B 146 15.52 1.04 16.81
N LYS B 147 16.21 1.66 17.77
CA LYS B 147 15.50 2.40 18.81
C LYS B 147 14.77 3.62 18.23
N ALA B 148 15.42 4.33 17.31
CA ALA B 148 14.75 5.43 16.64
C ALA B 148 13.52 4.98 15.86
N GLN B 149 13.58 3.81 15.22
CA GLN B 149 12.40 3.27 14.56
C GLN B 149 11.27 3.09 15.56
N LEU B 150 11.59 2.65 16.77
CA LEU B 150 10.54 2.48 17.78
C LEU B 150 10.02 3.83 18.27
N ALA B 151 10.89 4.83 18.40
CA ALA B 151 10.44 6.10 18.95
C ALA B 151 9.70 6.94 17.92
N LEU B 152 9.82 6.61 16.63
CA LEU B 152 9.27 7.48 15.59
C LEU B 152 7.76 7.61 15.73
N ARG B 153 7.13 6.57 16.28
CA ARG B 153 5.72 6.56 16.65
C ARG B 153 5.26 7.87 17.27
N HIS B 154 5.90 8.26 18.37
CA HIS B 154 5.46 9.37 19.20
C HIS B 154 5.73 10.75 18.59
N LYS B 155 6.28 10.83 17.39
CA LYS B 155 6.54 12.13 16.80
C LYS B 155 5.32 12.64 16.02
N ARG B 156 5.17 13.95 16.02
CA ARG B 156 4.15 14.66 15.25
C ARG B 156 4.89 15.83 14.59
N LYS B 157 4.65 16.12 13.32
CA LYS B 157 5.36 17.18 12.58
C LYS B 157 4.93 18.56 13.10
N PRO B 158 5.82 19.57 13.14
CA PRO B 158 5.45 20.89 13.61
C PRO B 158 4.49 21.57 12.62
N VAL B 159 3.65 22.46 13.13
CA VAL B 159 2.64 23.17 12.35
C VAL B 159 2.83 24.65 12.61
N TYR B 160 3.08 25.41 11.53
CA TYR B 160 3.28 26.85 11.59
C TYR B 160 2.02 27.56 11.13
N ALA B 161 1.42 28.33 12.04
CA ALA B 161 0.18 29.05 11.72
C ALA B 161 0.41 30.09 10.65
N GLU B 162 1.59 30.69 10.61
CA GLU B 162 1.94 31.71 9.65
C GLU B 162 2.85 31.09 8.61
N LEU B 163 2.63 31.45 7.34
CA LEU B 163 3.56 31.04 6.30
C LEU B 163 4.99 31.29 6.74
N GLU B 164 5.25 32.48 7.26
CA GLU B 164 6.61 32.97 7.41
C GLU B 164 7.37 32.19 8.46
N LYS B 165 6.71 31.87 9.58
CA LYS B 165 7.39 31.10 10.61
C LYS B 165 7.91 29.77 10.05
N ALA B 166 7.21 29.20 9.07
CA ALA B 166 7.70 27.98 8.42
C ALA B 166 8.91 28.29 7.55
N VAL B 167 8.83 29.35 6.75
CA VAL B 167 9.98 29.72 5.92
C VAL B 167 11.21 29.96 6.79
N GLU B 168 11.09 30.84 7.79
CA GLU B 168 12.25 31.15 8.62
C GLU B 168 12.53 30.02 9.61
N ALA B 169 11.61 29.08 9.78
CA ALA B 169 12.00 27.82 10.42
C ALA B 169 13.01 27.05 9.57
N ARG B 170 13.00 27.25 8.24
CA ARG B 170 13.93 26.56 7.31
C ARG B 170 15.36 27.05 7.57
N MET B 171 15.53 28.34 7.83
CA MET B 171 16.85 28.98 8.03
C MET B 171 17.55 28.45 9.28
N ARG B 172 16.83 28.17 10.37
CA ARG B 172 17.38 27.68 11.66
C ARG B 172 17.89 26.23 11.55
N GLY B 173 18.64 25.75 12.55
CA GLY B 173 19.17 24.41 12.50
C GLY B 173 20.38 24.30 11.57
N VAL B 174 20.59 23.06 11.11
CA VAL B 174 21.73 22.78 10.24
C VAL B 174 21.66 23.62 8.96
N GLY B 175 22.82 24.18 8.60
CA GLY B 175 22.99 24.92 7.38
C GLY B 175 22.67 26.39 7.50
N GLU B 176 23.52 27.23 6.89
CA GLU B 176 23.20 28.63 6.66
C GLU B 176 22.72 28.78 5.22
N ILE B 177 21.66 29.57 5.04
CA ILE B 177 20.94 29.58 3.77
C ILE B 177 20.21 30.90 3.64
N SER B 178 20.24 31.46 2.45
CA SER B 178 19.60 32.75 2.11
C SER B 178 18.09 32.64 2.33
N ARG B 179 17.42 33.75 2.64
CA ARG B 179 15.96 33.78 2.82
C ARG B 179 15.31 33.47 1.48
N GLU B 180 15.87 33.96 0.38
CA GLU B 180 15.34 33.67 -0.97
C GLU B 180 15.43 32.15 -1.17
N ALA B 181 16.53 31.52 -0.75
CA ALA B 181 16.66 30.07 -0.82
C ALA B 181 15.53 29.39 -0.06
N ALA B 182 15.26 29.84 1.17
CA ALA B 182 14.23 29.23 2.00
C ALA B 182 12.84 29.36 1.38
N GLU B 183 12.52 30.56 0.90
CA GLU B 183 11.21 30.77 0.28
C GLU B 183 11.08 29.98 -1.01
N LEU B 184 12.16 29.89 -1.79
CA LEU B 184 12.07 29.10 -3.01
C LEU B 184 11.81 27.62 -2.68
N LEU B 185 12.57 27.08 -1.73
CA LEU B 185 12.34 25.70 -1.33
C LEU B 185 10.94 25.54 -0.76
N ALA B 186 10.48 26.52 0.00
CA ALA B 186 9.17 26.41 0.65
C ALA B 186 8.02 26.40 -0.35
N GLN B 187 8.24 26.92 -1.56
CA GLN B 187 7.17 26.92 -2.55
C GLN B 187 6.76 25.49 -2.93
N ARG B 188 7.74 24.59 -2.97
CA ARG B 188 7.50 23.20 -3.35
C ARG B 188 7.47 22.25 -2.15
N GLY B 189 7.83 22.73 -0.95
CA GLY B 189 8.03 21.89 0.21
C GLY B 189 7.06 22.08 1.34
N LEU B 190 6.13 23.00 1.21
CA LEU B 190 5.14 23.30 2.26
C LEU B 190 3.77 22.80 1.82
N GLU B 191 2.95 22.34 2.75
CA GLU B 191 1.60 21.87 2.43
C GLU B 191 0.64 22.46 3.46
N PRO B 192 -0.60 22.83 3.07
CA PRO B 192 -1.55 23.37 4.01
C PRO B 192 -2.14 22.26 4.89
N VAL B 193 -2.30 22.55 6.18
CA VAL B 193 -2.85 21.63 7.18
C VAL B 193 -3.77 22.43 8.08
N PRO B 194 -4.63 21.76 8.85
CA PRO B 194 -5.41 22.52 9.85
C PRO B 194 -4.44 23.09 10.89
N GLY B 195 -4.47 24.41 11.03
CA GLY B 195 -3.58 25.12 11.92
C GLY B 195 -2.53 25.95 11.22
N GLY B 196 -2.37 25.77 9.92
CA GLY B 196 -1.31 26.51 9.22
C GLY B 196 -0.66 25.62 8.18
N TYR B 197 0.65 25.67 8.02
CA TYR B 197 1.42 24.88 7.03
C TYR B 197 2.42 23.97 7.73
N THR B 198 2.83 22.91 7.06
CA THR B 198 3.85 21.93 7.50
C THR B 198 4.80 21.67 6.33
N TRP B 199 6.03 21.33 6.62
CA TRP B 199 7.04 20.98 5.58
C TRP B 199 6.66 19.57 5.16
N ARG B 200 6.50 19.29 3.87
CA ARG B 200 5.98 18.02 3.34
C ARG B 200 6.89 16.82 3.58
N THR B 201 8.17 16.97 3.85
CA THR B 201 9.10 15.82 3.96
C THR B 201 8.64 14.77 4.97
N ASP B 202 8.86 13.50 4.61
CA ASP B 202 8.50 12.30 5.37
C ASP B 202 9.27 12.24 6.68
N ALA B 203 8.54 12.00 7.78
CA ALA B 203 9.18 11.95 9.09
C ALA B 203 10.24 10.87 9.17
N ARG B 204 10.13 9.81 8.38
CA ARG B 204 11.15 8.78 8.42
C ARG B 204 12.51 9.27 7.93
N LEU B 205 12.55 10.41 7.24
CA LEU B 205 13.82 10.96 6.78
C LEU B 205 14.75 11.32 7.93
N THR B 206 14.27 11.39 9.15
CA THR B 206 15.10 11.68 10.34
C THR B 206 15.75 10.42 10.91
N LEU B 207 15.40 9.24 10.45
CA LEU B 207 15.93 7.97 11.00
C LEU B 207 17.43 7.83 10.68
N PRO B 208 18.28 7.41 11.63
CA PRO B 208 19.66 7.13 11.30
C PRO B 208 19.77 5.84 10.49
N SER B 209 20.74 5.76 9.61
CA SER B 209 21.00 4.58 8.81
C SER B 209 21.30 3.39 9.71
N PRO B 210 20.79 2.20 9.36
CA PRO B 210 21.18 0.99 10.12
C PRO B 210 22.62 0.55 9.87
N LEU B 211 23.27 1.00 8.79
CA LEU B 211 24.58 0.46 8.39
C LEU B 211 25.27 1.53 7.54
N ARG B 212 26.24 2.24 8.14
CA ARG B 212 27.00 3.23 7.39
C ARG B 212 28.01 2.57 6.47
N LEU B 213 28.33 3.27 5.39
CA LEU B 213 29.52 2.91 4.62
C LEU B 213 30.78 3.10 5.48
N THR B 214 31.74 2.19 5.34
CA THR B 214 33.01 2.47 6.03
C THR B 214 33.86 3.43 5.18
N GLN B 215 34.91 3.97 5.80
CA GLN B 215 35.83 4.83 5.05
C GLN B 215 36.30 4.11 3.80
N ALA B 216 36.67 2.84 3.96
CA ALA B 216 37.13 2.07 2.82
C ALA B 216 36.06 1.98 1.73
N HIS B 217 34.81 1.76 2.11
CA HIS B 217 33.75 1.73 1.11
C HIS B 217 33.71 3.05 0.35
N ALA B 218 33.60 4.14 1.09
CA ALA B 218 33.50 5.45 0.49
C ALA B 218 34.68 5.75 -0.44
N LEU B 219 35.91 5.40 -0.04
CA LEU B 219 37.05 5.66 -0.92
C LEU B 219 36.95 4.82 -2.18
N ASN B 220 36.55 3.55 -2.03
CA ASN B 220 36.45 2.68 -3.20
C ASN B 220 35.41 3.18 -4.20
N PHE B 221 34.39 3.92 -3.75
CA PHE B 221 33.37 4.43 -4.66
C PHE B 221 33.90 5.62 -5.45
N VAL B 222 34.49 6.58 -4.76
CA VAL B 222 35.05 7.81 -5.37
C VAL B 222 36.13 7.38 -6.35
N ARG B 223 36.93 6.38 -6.00
CA ARG B 223 38.03 5.87 -6.86
C ARG B 223 37.49 4.97 -7.98
N SER B 224 36.23 4.56 -7.95
CA SER B 224 35.63 3.74 -9.03
C SER B 224 34.97 4.62 -10.09
N VAL B 225 34.87 5.93 -9.89
CA VAL B 225 34.23 6.83 -10.84
C VAL B 225 35.12 6.98 -12.08
N GLU B 226 34.57 6.63 -13.23
CA GLU B 226 35.33 6.58 -14.46
C GLU B 226 35.16 7.81 -15.34
N CYS B 227 34.02 8.47 -15.25
CA CYS B 227 33.67 9.58 -16.12
C CYS B 227 34.31 10.88 -15.65
N PRO B 228 34.25 11.92 -16.47
CA PRO B 228 34.71 13.25 -16.02
C PRO B 228 33.82 13.81 -14.93
N VAL B 229 34.45 14.51 -13.98
CA VAL B 229 33.77 15.05 -12.81
C VAL B 229 34.14 16.51 -12.66
N SER B 230 33.15 17.36 -12.53
CA SER B 230 33.36 18.74 -12.10
C SER B 230 32.74 18.92 -10.73
N LEU B 231 33.60 19.10 -9.73
CA LEU B 231 33.18 19.34 -8.35
C LEU B 231 33.40 20.81 -7.98
N VAL B 232 32.34 21.45 -7.53
CA VAL B 232 32.38 22.79 -7.00
C VAL B 232 32.32 22.72 -5.49
N LEU B 233 33.27 23.37 -4.81
CA LEU B 233 33.29 23.41 -3.35
C LEU B 233 33.05 24.83 -2.88
N ALA B 234 32.17 24.99 -1.89
CA ALA B 234 32.01 26.29 -1.26
C ALA B 234 33.22 26.54 -0.35
N GLU B 235 33.79 27.74 -0.43
CA GLU B 235 34.82 28.11 0.54
C GLU B 235 34.24 28.27 1.94
N GLN B 236 32.94 28.58 2.03
CA GLN B 236 32.18 28.68 3.27
C GLN B 236 31.48 27.37 3.63
N GLY B 237 32.14 26.24 3.40
CA GLY B 237 31.55 24.94 3.70
C GLY B 237 32.56 24.00 4.29
N MET B 238 32.10 23.03 5.08
CA MET B 238 33.00 22.10 5.82
C MET B 238 33.82 21.24 4.84
N LEU B 239 33.24 20.91 3.70
CA LEU B 239 33.86 19.98 2.73
C LEU B 239 35.20 20.52 2.22
N ALA B 240 35.29 21.80 1.90
CA ALA B 240 36.53 22.40 1.38
C ALA B 240 37.64 22.50 2.44
N VAL B 241 37.29 22.86 3.67
CA VAL B 241 38.29 23.26 4.66
C VAL B 241 39.01 22.05 5.26
N GLU B 242 38.26 20.99 5.59
CA GLU B 242 38.82 19.87 6.32
C GLU B 242 40.08 19.34 5.63
N PRO B 243 41.18 19.15 6.37
CA PRO B 243 42.42 18.70 5.69
C PRO B 243 42.37 17.29 5.13
N ARG B 244 41.81 16.31 5.85
CA ARG B 244 41.69 14.95 5.34
C ARG B 244 40.96 14.93 4.00
N MET B 245 39.96 15.80 3.83
CA MET B 245 39.21 15.96 2.55
C MET B 245 40.09 16.62 1.48
N ARG B 246 40.85 17.64 1.85
CA ARG B 246 41.71 18.37 0.89
C ARG B 246 42.72 17.37 0.33
N ALA B 247 43.30 16.55 1.21
CA ALA B 247 44.30 15.55 0.83
C ALA B 247 43.67 14.53 -0.13
N LEU B 248 42.46 14.08 0.16
CA LEU B 248 41.79 13.12 -0.72
C LEU B 248 41.59 13.68 -2.11
N LEU B 249 41.23 14.96 -2.21
CA LEU B 249 40.89 15.54 -3.51
C LEU B 249 42.12 15.71 -4.41
N GLU B 250 43.29 16.02 -3.85
CA GLU B 250 44.47 16.09 -4.70
C GLU B 250 44.85 14.72 -5.26
N THR B 251 44.38 13.64 -4.65
CA THR B 251 44.65 12.30 -5.19
C THR B 251 43.62 11.86 -6.23
N LEU B 252 42.63 12.71 -6.57
CA LEU B 252 41.52 12.31 -7.42
C LEU B 252 41.48 13.11 -8.72
N PRO B 253 41.24 12.42 -9.89
CA PRO B 253 41.21 13.10 -11.20
C PRO B 253 39.91 13.83 -11.48
N PHE B 254 39.51 14.68 -10.54
CA PHE B 254 38.28 15.45 -10.70
C PHE B 254 38.65 16.92 -10.87
N GLU B 255 38.01 17.58 -11.83
CA GLU B 255 38.11 19.03 -11.93
C GLU B 255 37.50 19.67 -10.68
N ARG B 256 38.24 20.58 -10.06
CA ARG B 256 37.91 21.14 -8.75
C ARG B 256 37.93 22.66 -8.84
N HIS B 257 36.93 23.28 -8.22
CA HIS B 257 36.82 24.74 -8.17
C HIS B 257 36.25 25.15 -6.83
N HIS B 258 36.99 25.95 -6.06
CA HIS B 258 36.46 26.54 -4.81
C HIS B 258 35.78 27.83 -5.24
N LEU B 259 34.56 28.10 -4.79
CA LEU B 259 33.83 29.34 -5.12
C LEU B 259 33.36 29.95 -3.80
N PRO B 260 33.29 31.28 -3.62
CA PRO B 260 32.79 31.85 -2.39
C PRO B 260 31.29 31.59 -2.29
N GLY B 261 30.76 31.46 -1.10
CA GLY B 261 29.36 31.15 -0.91
C GLY B 261 29.18 30.02 0.08
N GLY B 262 27.96 29.86 0.59
CA GLY B 262 27.67 28.80 1.54
C GLY B 262 27.39 27.46 0.87
N HIS B 263 26.82 26.57 1.68
CA HIS B 263 26.54 25.21 1.22
C HIS B 263 25.53 25.21 0.07
N HIS B 264 24.58 26.14 0.10
CA HIS B 264 23.58 26.29 -0.96
C HIS B 264 23.92 27.40 -1.94
N LEU B 265 25.19 27.54 -2.34
CA LEU B 265 25.62 28.74 -3.06
C LEU B 265 24.98 28.87 -4.43
N HIS B 266 24.58 27.75 -5.03
CA HIS B 266 23.90 27.78 -6.32
C HIS B 266 22.45 28.24 -6.20
N LEU B 267 21.96 28.47 -5.00
CA LEU B 267 20.57 28.81 -4.77
C LEU B 267 20.38 30.06 -3.92
N ASP B 268 21.36 30.42 -3.09
CA ASP B 268 21.22 31.56 -2.20
C ASP B 268 20.93 32.85 -2.96
N ASP B 269 21.67 33.08 -4.03
CA ASP B 269 21.55 34.33 -4.81
C ASP B 269 21.86 34.03 -6.27
N GLU B 270 21.41 34.93 -7.14
CA GLU B 270 21.60 34.83 -8.60
C GLU B 270 23.09 34.87 -8.91
N ALA B 271 23.90 35.65 -8.19
CA ALA B 271 25.35 35.75 -8.42
C ALA B 271 26.00 34.38 -8.22
N GLY B 272 25.73 33.73 -7.09
CA GLY B 272 26.23 32.38 -6.86
C GLY B 272 25.77 31.40 -7.92
N ALA B 273 24.52 31.52 -8.36
CA ALA B 273 24.04 30.62 -9.40
C ALA B 273 24.82 30.83 -10.68
N GLN B 274 25.00 32.09 -11.08
CA GLN B 274 25.78 32.40 -12.28
C GLN B 274 27.16 31.79 -12.19
N ALA B 275 27.80 31.94 -11.03
CA ALA B 275 29.15 31.43 -10.86
C ALA B 275 29.22 29.94 -11.13
N VAL B 276 28.32 29.17 -10.49
CA VAL B 276 28.32 27.73 -10.69
C VAL B 276 27.94 27.40 -12.13
N ALA B 277 26.99 28.16 -12.69
CA ALA B 277 26.62 27.95 -14.09
C ALA B 277 27.85 28.03 -14.98
N ARG B 278 28.65 29.09 -14.84
CA ARG B 278 29.85 29.23 -15.66
C ARG B 278 30.67 27.95 -15.64
N VAL B 279 31.02 27.46 -14.46
CA VAL B 279 31.94 26.30 -14.35
C VAL B 279 31.35 25.12 -15.11
N PHE B 280 30.09 24.80 -14.83
CA PHE B 280 29.37 23.63 -15.39
C PHE B 280 29.13 23.79 -16.89
N ALA B 281 28.76 24.99 -17.33
CA ALA B 281 28.46 25.25 -18.76
C ALA B 281 29.72 24.91 -19.55
N ALA B 282 30.87 25.35 -19.08
CA ALA B 282 32.12 24.96 -19.71
C ALA B 282 32.32 23.46 -19.65
N PHE B 283 32.21 22.89 -18.44
CA PHE B 283 32.46 21.48 -18.25
C PHE B 283 31.64 20.63 -19.21
N PHE B 284 30.38 21.00 -19.45
CA PHE B 284 29.52 20.20 -20.32
C PHE B 284 29.78 20.43 -21.80
N ALA B 285 30.44 21.55 -22.15
CA ALA B 285 30.81 21.82 -23.54
C ALA B 285 32.04 21.03 -23.97
N ARG B 286 32.96 20.74 -23.06
CA ARG B 286 34.19 19.96 -23.37
C ARG B 286 33.77 18.53 -23.74
N SER C 2 2.00 -37.84 2.27
CA SER C 2 1.23 -38.33 3.40
C SER C 2 0.35 -37.21 4.00
N LEU C 3 0.90 -36.01 4.09
CA LEU C 3 0.21 -34.87 4.69
C LEU C 3 -0.40 -33.99 3.62
N GLN C 4 -1.53 -33.36 3.95
CA GLN C 4 -2.28 -32.54 3.00
C GLN C 4 -2.34 -31.08 3.45
N VAL C 5 -2.50 -30.19 2.48
CA VAL C 5 -2.51 -28.75 2.74
C VAL C 5 -3.90 -28.35 3.21
N GLU C 6 -3.97 -27.79 4.41
CA GLU C 6 -5.24 -27.43 5.02
C GLU C 6 -5.45 -25.93 5.18
N GLU C 7 -4.37 -25.17 5.30
CA GLU C 7 -4.45 -23.74 5.56
C GLU C 7 -3.54 -23.00 4.61
N VAL C 8 -4.11 -22.01 3.89
CA VAL C 8 -3.39 -21.34 2.83
C VAL C 8 -3.68 -19.85 2.82
N ARG C 9 -2.79 -19.13 2.13
CA ARG C 9 -3.04 -17.77 1.67
C ARG C 9 -3.48 -17.85 0.22
N ILE C 10 -4.46 -17.06 -0.15
CA ILE C 10 -4.86 -16.98 -1.55
C ILE C 10 -4.55 -15.57 -2.01
N SER C 11 -3.70 -15.46 -3.02
CA SER C 11 -3.22 -14.17 -3.50
C SER C 11 -4.13 -13.67 -4.61
N LEU C 12 -4.83 -12.58 -4.36
CA LEU C 12 -5.60 -11.87 -5.37
C LEU C 12 -4.82 -10.64 -5.82
N PRO C 13 -5.22 -10.05 -6.92
CA PRO C 13 -4.42 -8.91 -7.44
C PRO C 13 -4.33 -7.75 -6.46
N HIS C 14 -5.37 -7.53 -5.65
CA HIS C 14 -5.44 -6.37 -4.79
C HIS C 14 -5.36 -6.70 -3.32
N ILE C 15 -5.35 -7.97 -2.93
CA ILE C 15 -5.43 -8.30 -1.52
C ILE C 15 -5.10 -9.78 -1.39
N GLU C 16 -4.60 -10.17 -0.20
CA GLU C 16 -4.30 -11.55 0.11
C GLU C 16 -5.24 -12.04 1.20
N LEU C 17 -5.91 -13.15 0.96
CA LEU C 17 -6.90 -13.68 1.88
C LEU C 17 -6.44 -14.99 2.47
N ALA C 18 -6.96 -15.32 3.65
CA ALA C 18 -6.68 -16.61 4.25
C ALA C 18 -7.85 -17.57 4.02
N ALA C 19 -7.53 -18.85 3.91
CA ALA C 19 -8.59 -19.85 3.76
C ALA C 19 -8.17 -21.17 4.39
N HIS C 20 -9.15 -21.86 4.95
CA HIS C 20 -9.00 -23.27 5.33
C HIS C 20 -9.65 -24.16 4.28
N LEU C 21 -8.95 -25.25 3.93
CA LEU C 21 -9.39 -26.17 2.89
C LEU C 21 -9.94 -27.44 3.51
N PHE C 22 -11.11 -27.85 3.11
CA PHE C 22 -11.75 -29.09 3.60
C PHE C 22 -12.12 -30.00 2.43
N GLY C 23 -12.03 -31.30 2.67
CA GLY C 23 -12.53 -32.30 1.75
C GLY C 23 -11.55 -32.73 0.67
N PRO C 24 -11.99 -33.62 -0.23
CA PRO C 24 -11.09 -34.17 -1.25
C PRO C 24 -10.78 -33.18 -2.35
N PRO C 25 -9.53 -33.11 -2.79
CA PRO C 25 -9.18 -32.20 -3.89
C PRO C 25 -10.08 -32.35 -5.09
N ASP C 26 -10.67 -33.53 -5.24
CA ASP C 26 -11.56 -33.83 -6.35
C ASP C 26 -13.04 -33.63 -6.01
N GLY C 27 -13.34 -33.13 -4.83
CA GLY C 27 -14.73 -32.91 -4.38
C GLY C 27 -15.42 -31.80 -5.15
N LYS C 28 -16.73 -31.71 -5.05
CA LYS C 28 -17.52 -30.65 -5.72
C LYS C 28 -16.96 -29.32 -5.22
N PRO C 29 -16.64 -28.35 -6.07
CA PRO C 29 -16.06 -27.12 -5.59
C PRO C 29 -17.09 -26.21 -4.90
N VAL C 30 -16.78 -25.85 -3.67
CA VAL C 30 -17.60 -24.95 -2.83
C VAL C 30 -16.73 -23.89 -2.14
N ILE C 31 -17.13 -22.62 -2.21
CA ILE C 31 -16.54 -21.56 -1.37
C ILE C 31 -17.53 -21.25 -0.26
N ALA C 32 -17.07 -21.36 0.98
CA ALA C 32 -17.88 -21.08 2.16
C ALA C 32 -17.59 -19.68 2.72
N LEU C 33 -18.63 -18.87 2.88
CA LEU C 33 -18.52 -17.47 3.28
C LEU C 33 -19.23 -17.27 4.60
N HIS C 34 -18.55 -16.56 5.52
CA HIS C 34 -19.03 -16.42 6.89
C HIS C 34 -19.78 -15.10 7.10
N GLY C 35 -20.17 -14.90 8.35
CA GLY C 35 -20.97 -13.74 8.76
C GLY C 35 -20.09 -12.57 9.17
N TRP C 36 -20.73 -11.42 9.33
CA TRP C 36 -20.07 -10.17 9.65
C TRP C 36 -19.32 -10.27 10.98
N LEU C 37 -18.05 -9.91 10.96
CA LEU C 37 -17.13 -9.98 12.11
C LEU C 37 -16.85 -11.41 12.59
N ASP C 38 -17.28 -12.42 11.85
CA ASP C 38 -16.85 -13.80 12.12
C ASP C 38 -15.58 -14.13 11.33
N ASN C 39 -15.36 -15.41 11.03
CA ASN C 39 -14.21 -15.90 10.27
C ASN C 39 -14.53 -17.33 9.87
N ALA C 40 -13.55 -17.99 9.21
CA ALA C 40 -13.76 -19.31 8.61
C ALA C 40 -14.07 -20.40 9.64
N MET C 41 -13.69 -20.23 10.88
CA MET C 41 -14.10 -21.21 11.88
C MET C 41 -15.62 -21.30 12.03
N SER C 42 -16.36 -20.44 11.39
CA SER C 42 -17.83 -20.52 11.39
C SER C 42 -18.18 -21.90 10.84
N PHE C 43 -17.39 -22.44 9.92
CA PHE C 43 -17.62 -23.73 9.24
C PHE C 43 -16.83 -24.89 9.87
N SER C 44 -16.20 -24.72 11.02
CA SER C 44 -15.32 -25.74 11.65
C SER C 44 -16.06 -27.05 11.98
N ARG C 45 -17.34 -27.00 12.27
CA ARG C 45 -18.11 -28.24 12.53
C ARG C 45 -18.91 -28.70 11.32
N LEU C 46 -19.38 -27.77 10.48
CA LEU C 46 -20.24 -28.15 9.36
C LEU C 46 -19.44 -28.69 8.19
N ALA C 47 -18.33 -28.06 7.87
CA ALA C 47 -17.62 -28.45 6.66
C ALA C 47 -17.09 -29.88 6.73
N PRO C 48 -16.55 -30.35 7.87
CA PRO C 48 -16.07 -31.72 7.99
C PRO C 48 -17.17 -32.77 7.80
N LYS C 49 -18.39 -32.46 8.19
CA LYS C 49 -19.58 -33.32 8.05
C LYS C 49 -20.05 -33.43 6.59
N LEU C 50 -19.64 -32.53 5.69
CA LEU C 50 -20.05 -32.56 4.27
C LEU C 50 -19.02 -33.29 3.39
N ALA C 51 -19.08 -34.62 3.29
CA ALA C 51 -18.14 -35.35 2.45
C ALA C 51 -18.46 -35.16 0.98
N GLY C 52 -17.48 -35.41 0.14
CA GLY C 52 -17.67 -35.21 -1.29
C GLY C 52 -17.57 -33.78 -1.75
N LEU C 53 -17.44 -32.83 -0.82
CA LEU C 53 -17.28 -31.42 -1.16
C LEU C 53 -15.87 -30.95 -0.86
N ARG C 54 -15.28 -30.25 -1.83
CA ARG C 54 -14.04 -29.52 -1.67
C ARG C 54 -14.41 -28.09 -1.30
N ILE C 55 -14.37 -27.81 -0.01
CA ILE C 55 -14.81 -26.55 0.57
C ILE C 55 -13.62 -25.64 0.88
N VAL C 56 -13.57 -24.48 0.24
CA VAL C 56 -12.65 -23.39 0.60
C VAL C 56 -13.37 -22.46 1.58
N ALA C 57 -13.05 -22.59 2.87
CA ALA C 57 -13.70 -21.74 3.87
C ALA C 57 -12.86 -20.46 3.98
N LEU C 58 -13.38 -19.39 3.41
CA LEU C 58 -12.62 -18.17 3.17
C LEU C 58 -12.82 -17.16 4.30
N ASP C 59 -11.73 -16.53 4.72
CA ASP C 59 -11.85 -15.35 5.58
C ASP C 59 -12.12 -14.15 4.69
N PHE C 60 -13.21 -13.43 4.95
CA PHE C 60 -13.42 -12.17 4.24
C PHE C 60 -12.30 -11.17 4.59
N ALA C 61 -12.04 -10.24 3.68
CA ALA C 61 -11.15 -9.13 4.00
C ALA C 61 -11.51 -8.51 5.35
N GLY C 62 -10.47 -8.21 6.12
CA GLY C 62 -10.67 -7.56 7.39
C GLY C 62 -11.21 -8.44 8.46
N HIS C 63 -11.26 -9.75 8.20
CA HIS C 63 -11.71 -10.71 9.18
C HIS C 63 -10.72 -11.87 9.34
N GLY C 64 -10.80 -12.56 10.48
CA GLY C 64 -10.03 -13.78 10.64
C GLY C 64 -8.56 -13.51 10.38
N HIS C 65 -7.94 -14.27 9.48
CA HIS C 65 -6.53 -14.09 9.22
C HIS C 65 -6.30 -13.47 7.84
N SER C 66 -7.34 -12.96 7.19
CA SER C 66 -7.16 -12.31 5.91
C SER C 66 -6.64 -10.90 6.10
N ALA C 67 -5.95 -10.39 5.11
CA ALA C 67 -5.48 -9.01 5.17
C ALA C 67 -6.65 -8.02 5.29
N HIS C 68 -6.34 -6.89 5.89
CA HIS C 68 -7.21 -5.72 5.85
C HIS C 68 -7.06 -5.10 4.49
N ARG C 69 -8.11 -4.44 4.01
CA ARG C 69 -7.97 -3.78 2.71
C ARG C 69 -6.99 -2.60 2.82
N ALA C 70 -6.44 -2.19 1.69
CA ALA C 70 -5.56 -1.03 1.62
C ALA C 70 -6.30 0.25 2.01
N GLU C 71 -5.54 1.28 2.28
CA GLU C 71 -6.10 2.56 2.77
C GLU C 71 -7.03 3.14 1.71
N GLY C 72 -8.19 3.56 2.15
CA GLY C 72 -9.19 4.24 1.34
C GLY C 72 -10.19 3.30 0.71
N ALA C 73 -9.97 2.00 0.80
CA ALA C 73 -10.87 1.04 0.17
C ALA C 73 -12.06 0.74 1.08
N SER C 74 -13.15 0.35 0.49
CA SER C 74 -14.43 0.14 1.18
C SER C 74 -14.71 -1.33 1.49
N TYR C 75 -15.62 -1.57 2.40
CA TYR C 75 -16.07 -2.93 2.76
C TYR C 75 -17.55 -3.06 2.42
N LEU C 76 -17.92 -2.81 1.17
CA LEU C 76 -19.31 -2.92 0.68
C LEU C 76 -19.56 -4.36 0.26
N LEU C 77 -20.83 -4.74 0.17
CA LEU C 77 -21.19 -6.13 -0.10
C LEU C 77 -20.61 -6.61 -1.42
N TRP C 78 -20.68 -5.78 -2.44
CA TRP C 78 -20.16 -6.16 -3.74
C TRP C 78 -18.64 -6.10 -3.80
N ASP C 79 -17.96 -5.52 -2.80
CA ASP C 79 -16.51 -5.68 -2.71
C ASP C 79 -16.17 -7.12 -2.30
N TYR C 80 -16.86 -7.63 -1.28
CA TYR C 80 -16.72 -9.05 -0.95
C TYR C 80 -17.04 -9.94 -2.14
N ALA C 81 -18.08 -9.60 -2.92
CA ALA C 81 -18.53 -10.42 -4.07
C ALA C 81 -17.38 -10.53 -5.07
N LEU C 82 -16.70 -9.43 -5.36
CA LEU C 82 -15.54 -9.43 -6.29
C LEU C 82 -14.42 -10.28 -5.72
N ASP C 83 -14.15 -10.19 -4.43
CA ASP C 83 -13.07 -10.96 -3.78
C ASP C 83 -13.34 -12.45 -3.97
N VAL C 84 -14.58 -12.87 -3.74
CA VAL C 84 -14.96 -14.27 -3.87
C VAL C 84 -14.74 -14.76 -5.31
N LEU C 85 -15.17 -13.94 -6.26
CA LEU C 85 -14.99 -14.29 -7.67
C LEU C 85 -13.51 -14.39 -8.03
N MET C 86 -12.68 -13.51 -7.47
CA MET C 86 -11.25 -13.58 -7.75
C MET C 86 -10.60 -14.77 -7.05
N VAL C 87 -11.16 -15.19 -5.93
CA VAL C 87 -10.69 -16.43 -5.34
C VAL C 87 -10.95 -17.59 -6.30
N ALA C 88 -12.16 -17.65 -6.86
CA ALA C 88 -12.47 -18.75 -7.75
C ALA C 88 -11.53 -18.72 -8.94
N GLU C 89 -11.23 -17.53 -9.46
CA GLU C 89 -10.27 -17.43 -10.54
C GLU C 89 -8.90 -17.95 -10.10
N GLN C 90 -8.42 -17.55 -8.92
CA GLN C 90 -7.09 -17.96 -8.49
C GLN C 90 -7.02 -19.47 -8.27
N LEU C 91 -8.15 -20.08 -7.89
CA LEU C 91 -8.24 -21.53 -7.73
C LEU C 91 -8.39 -22.25 -9.07
N GLY C 92 -8.60 -21.51 -10.15
CA GLY C 92 -8.87 -22.14 -11.43
C GLY C 92 -10.26 -22.72 -11.57
N TRP C 93 -11.23 -22.22 -10.81
CA TRP C 93 -12.59 -22.77 -10.80
C TRP C 93 -13.45 -21.97 -11.76
N GLU C 94 -14.08 -22.62 -12.74
CA GLU C 94 -14.96 -21.88 -13.67
C GLU C 94 -16.38 -21.81 -13.08
N ARG C 95 -16.93 -22.93 -12.66
CA ARG C 95 -18.26 -23.03 -12.04
C ARG C 95 -18.05 -23.55 -10.63
N PHE C 96 -18.77 -23.04 -9.64
CA PHE C 96 -18.62 -23.47 -8.24
C PHE C 96 -19.89 -23.15 -7.47
N SER C 97 -20.05 -23.76 -6.31
CA SER C 97 -21.15 -23.49 -5.41
C SER C 97 -20.71 -22.61 -4.25
N LEU C 98 -21.69 -21.99 -3.61
CA LEU C 98 -21.50 -21.11 -2.47
C LEU C 98 -22.25 -21.66 -1.28
N LEU C 99 -21.55 -21.75 -0.15
CA LEU C 99 -22.13 -22.03 1.15
C LEU C 99 -21.98 -20.80 2.02
N GLY C 100 -23.09 -20.20 2.46
CA GLY C 100 -23.06 -18.88 3.07
C GLY C 100 -23.84 -18.79 4.36
N HIS C 101 -23.25 -18.15 5.35
CA HIS C 101 -23.89 -17.89 6.63
C HIS C 101 -24.10 -16.39 6.81
N SER C 102 -25.34 -15.99 7.06
CA SER C 102 -25.71 -14.61 7.34
C SER C 102 -25.16 -13.65 6.27
N MET C 103 -24.25 -12.71 6.61
CA MET C 103 -23.72 -11.83 5.56
C MET C 103 -23.17 -12.62 4.36
N GLY C 104 -22.53 -13.77 4.63
CA GLY C 104 -21.98 -14.56 3.55
C GLY C 104 -23.04 -15.09 2.60
N ALA C 105 -24.26 -15.34 3.12
CA ALA C 105 -25.41 -15.75 2.31
C ALA C 105 -25.89 -14.60 1.43
N ILE C 106 -25.90 -13.40 1.99
CA ILE C 106 -26.30 -12.22 1.23
C ILE C 106 -25.35 -11.99 0.08
N VAL C 107 -24.04 -12.16 0.35
CA VAL C 107 -23.05 -12.01 -0.72
C VAL C 107 -23.24 -13.08 -1.78
N SER C 108 -23.59 -14.31 -1.37
CA SER C 108 -23.78 -15.42 -2.30
C SER C 108 -24.93 -15.14 -3.24
N VAL C 109 -26.01 -14.53 -2.71
CA VAL C 109 -27.16 -14.19 -3.53
C VAL C 109 -26.79 -13.14 -4.54
N LEU C 110 -26.02 -12.14 -4.13
CA LEU C 110 -25.61 -11.06 -5.05
C LEU C 110 -24.81 -11.67 -6.20
N LEU C 111 -23.89 -12.57 -5.91
CA LEU C 111 -23.02 -13.22 -6.91
C LEU C 111 -23.87 -14.08 -7.84
N ALA C 112 -24.76 -14.89 -7.30
CA ALA C 112 -25.61 -15.82 -8.08
C ALA C 112 -26.49 -15.01 -9.01
N GLY C 113 -27.06 -13.91 -8.53
CA GLY C 113 -27.96 -13.09 -9.36
C GLY C 113 -27.21 -12.26 -10.39
N ALA C 114 -25.97 -11.88 -10.09
CA ALA C 114 -25.19 -11.12 -11.05
C ALA C 114 -24.51 -12.00 -12.10
N LEU C 115 -24.09 -13.20 -11.72
CA LEU C 115 -23.32 -14.09 -12.60
C LEU C 115 -23.93 -15.49 -12.55
N PRO C 116 -25.13 -15.66 -13.10
CA PRO C 116 -25.76 -17.00 -13.00
C PRO C 116 -24.97 -18.09 -13.74
N GLU C 117 -24.19 -17.73 -14.73
CA GLU C 117 -23.37 -18.71 -15.48
C GLU C 117 -22.29 -19.31 -14.58
N ARG C 118 -21.86 -18.66 -13.51
CA ARG C 118 -20.76 -19.18 -12.64
C ARG C 118 -21.24 -19.97 -11.42
N ILE C 119 -22.42 -19.72 -10.89
CA ILE C 119 -22.81 -20.35 -9.61
C ILE C 119 -23.69 -21.57 -9.86
N GLU C 120 -23.23 -22.71 -9.38
CA GLU C 120 -23.87 -24.01 -9.58
C GLU C 120 -25.07 -24.19 -8.66
N ARG C 121 -24.90 -23.86 -7.38
CA ARG C 121 -25.99 -23.88 -6.39
C ARG C 121 -25.62 -23.02 -5.18
N LEU C 122 -26.63 -22.67 -4.38
CA LEU C 122 -26.48 -21.89 -3.15
C LEU C 122 -26.98 -22.69 -1.93
N ALA C 123 -26.17 -22.81 -0.89
CA ALA C 123 -26.57 -23.35 0.42
C ALA C 123 -26.43 -22.17 1.37
N LEU C 124 -27.55 -21.72 1.91
CA LEU C 124 -27.65 -20.48 2.67
C LEU C 124 -28.11 -20.78 4.07
N ILE C 125 -27.48 -20.14 5.06
CA ILE C 125 -27.82 -20.34 6.45
C ILE C 125 -28.22 -18.97 7.03
N ASP C 126 -29.51 -18.81 7.30
CA ASP C 126 -30.05 -17.73 8.11
C ASP C 126 -29.66 -16.38 7.56
N GLY C 127 -29.77 -16.25 6.26
CA GLY C 127 -29.47 -14.99 5.62
C GLY C 127 -29.96 -15.07 4.20
N LEU C 128 -30.38 -13.94 3.64
CA LEU C 128 -30.80 -13.91 2.24
C LEU C 128 -30.56 -12.54 1.60
N ILE C 129 -31.22 -11.49 2.09
CA ILE C 129 -31.13 -10.19 1.47
C ILE C 129 -30.63 -9.20 2.51
N PRO C 130 -30.03 -8.11 2.06
CA PRO C 130 -29.51 -7.12 2.99
C PRO C 130 -30.62 -6.18 3.44
N TYR C 131 -30.37 -5.48 4.54
CA TYR C 131 -31.15 -4.30 4.88
C TYR C 131 -31.11 -3.30 3.72
N THR C 132 -32.26 -2.70 3.42
CA THR C 132 -32.42 -1.86 2.24
C THR C 132 -32.75 -0.43 2.65
N GLY C 133 -32.63 0.49 1.69
CA GLY C 133 -32.89 1.89 1.93
C GLY C 133 -33.41 2.52 0.66
N GLU C 134 -34.48 3.30 0.76
CA GLU C 134 -35.11 3.87 -0.42
C GLU C 134 -34.47 5.18 -0.83
N ALA C 135 -34.82 5.61 -2.03
CA ALA C 135 -34.19 6.75 -2.66
C ALA C 135 -34.45 8.06 -1.91
N ASP C 136 -35.60 8.19 -1.23
CA ASP C 136 -35.94 9.46 -0.59
C ASP C 136 -35.01 9.73 0.58
N LYS C 137 -34.43 8.68 1.17
CA LYS C 137 -33.48 8.81 2.27
C LYS C 137 -32.03 8.77 1.81
N ALA C 138 -31.79 8.61 0.52
CA ALA C 138 -30.43 8.34 0.09
C ALA C 138 -29.53 9.54 0.32
N PRO C 139 -29.96 10.79 0.07
CA PRO C 139 -29.09 11.94 0.41
C PRO C 139 -28.68 11.95 1.87
N GLN C 140 -29.65 11.76 2.77
CA GLN C 140 -29.36 11.73 4.19
C GLN C 140 -28.40 10.59 4.54
N LYS C 141 -28.56 9.43 3.92
CA LYS C 141 -27.62 8.33 4.23
C LYS C 141 -26.22 8.60 3.68
N LEU C 142 -26.09 9.20 2.49
CA LEU C 142 -24.76 9.55 2.02
C LEU C 142 -24.09 10.54 2.98
N GLY C 143 -24.82 11.58 3.43
CA GLY C 143 -24.24 12.50 4.39
C GLY C 143 -23.79 11.84 5.70
N GLU C 144 -24.62 10.95 6.23
CA GLU C 144 -24.23 10.21 7.42
C GLU C 144 -22.98 9.37 7.16
N ALA C 145 -22.90 8.74 5.98
CA ALA C 145 -21.74 7.91 5.61
C ALA C 145 -20.49 8.79 5.54
N LEU C 146 -20.58 9.95 4.89
CA LEU C 146 -19.45 10.87 4.72
C LEU C 146 -19.02 11.40 6.11
N LYS C 147 -19.97 11.72 6.98
CA LYS C 147 -19.66 12.23 8.34
C LYS C 147 -18.95 11.14 9.15
N ALA C 148 -19.40 9.91 9.05
CA ALA C 148 -18.76 8.83 9.79
C ALA C 148 -17.34 8.58 9.31
N GLN C 149 -17.12 8.70 8.00
CA GLN C 149 -15.77 8.59 7.44
C GLN C 149 -14.86 9.66 7.99
N LEU C 150 -15.35 10.90 8.03
CA LEU C 150 -14.57 12.02 8.58
C LEU C 150 -14.25 11.80 10.05
N ALA C 151 -15.16 11.20 10.80
CA ALA C 151 -15.01 10.99 12.24
C ALA C 151 -14.26 9.71 12.62
N LEU C 152 -13.92 8.86 11.66
CA LEU C 152 -13.32 7.57 12.01
C LEU C 152 -11.93 7.82 12.56
N ARG C 153 -11.59 7.10 13.63
CA ARG C 153 -10.37 7.39 14.36
C ARG C 153 -9.62 6.12 14.77
N HIS C 154 -8.34 6.35 15.09
CA HIS C 154 -7.39 5.34 15.61
C HIS C 154 -7.74 5.22 17.09
N LYS C 155 -8.39 4.15 17.51
CA LYS C 155 -8.72 3.97 18.94
C LYS C 155 -8.31 2.56 19.32
N ARG C 156 -7.91 2.39 20.57
CA ARG C 156 -7.48 1.05 21.03
C ARG C 156 -8.77 0.25 21.18
N LYS C 157 -8.97 -0.71 20.30
CA LYS C 157 -10.07 -1.64 20.46
C LYS C 157 -9.95 -2.31 21.82
N PRO C 158 -11.04 -2.88 22.32
CA PRO C 158 -10.99 -3.52 23.63
C PRO C 158 -9.87 -4.54 23.70
N VAL C 159 -9.20 -4.58 24.84
CA VAL C 159 -8.15 -5.54 25.14
C VAL C 159 -8.63 -6.40 26.29
N TYR C 160 -8.46 -7.72 26.17
CA TYR C 160 -8.82 -8.66 27.21
C TYR C 160 -7.57 -9.39 27.69
N ALA C 161 -7.27 -9.28 28.99
CA ALA C 161 -6.11 -9.94 29.55
C ALA C 161 -6.30 -11.44 29.67
N GLU C 162 -7.52 -11.89 29.97
CA GLU C 162 -7.84 -13.30 29.97
C GLU C 162 -8.51 -13.69 28.66
N LEU C 163 -8.10 -14.82 28.10
CA LEU C 163 -8.81 -15.38 26.95
C LEU C 163 -10.26 -15.69 27.29
N GLU C 164 -10.50 -16.26 28.48
CA GLU C 164 -11.88 -16.50 28.89
C GLU C 164 -12.73 -15.26 28.70
N LYS C 165 -12.18 -14.09 29.06
CA LYS C 165 -12.97 -12.86 29.00
C LYS C 165 -13.17 -12.39 27.56
N ALA C 166 -12.19 -12.64 26.68
CA ALA C 166 -12.43 -12.39 25.27
C ALA C 166 -13.59 -13.25 24.75
N VAL C 167 -13.61 -14.52 25.14
CA VAL C 167 -14.68 -15.41 24.69
C VAL C 167 -16.01 -14.91 25.20
N GLU C 168 -16.05 -14.52 26.49
CA GLU C 168 -17.29 -14.02 27.07
C GLU C 168 -17.78 -12.76 26.37
N ALA C 169 -16.88 -11.86 26.00
CA ALA C 169 -17.33 -10.65 25.31
C ALA C 169 -18.04 -11.00 24.00
N ARG C 170 -17.67 -12.11 23.36
CA ARG C 170 -18.29 -12.53 22.10
C ARG C 170 -19.64 -13.20 22.33
N MET C 171 -19.88 -13.71 23.54
CA MET C 171 -21.19 -14.27 23.88
C MET C 171 -22.19 -13.16 24.16
N ARG C 172 -21.75 -12.10 24.84
CA ARG C 172 -22.62 -10.95 25.04
C ARG C 172 -23.06 -10.33 23.71
N GLY C 173 -22.38 -10.68 22.61
CA GLY C 173 -22.57 -9.99 21.35
C GLY C 173 -23.53 -10.69 20.41
N VAL C 174 -23.93 -9.95 19.36
CA VAL C 174 -24.92 -10.39 18.37
C VAL C 174 -26.13 -10.91 19.16
N GLY C 175 -26.67 -12.05 18.74
CA GLY C 175 -27.73 -12.66 19.52
C GLY C 175 -27.14 -13.67 20.48
N GLU C 176 -27.72 -14.86 20.52
CA GLU C 176 -27.20 -15.93 21.35
C GLU C 176 -26.24 -16.79 20.53
N ILE C 177 -25.11 -17.11 21.15
CA ILE C 177 -24.07 -17.98 20.59
C ILE C 177 -23.53 -18.86 21.72
N SER C 178 -23.32 -20.13 21.49
CA SER C 178 -22.80 -21.05 22.53
C SER C 178 -21.37 -20.67 22.89
N ARG C 179 -20.92 -21.07 24.08
CA ARG C 179 -19.54 -20.84 24.55
C ARG C 179 -18.59 -21.55 23.59
N GLU C 180 -18.93 -22.75 23.15
CA GLU C 180 -18.13 -23.55 22.22
C GLU C 180 -17.99 -22.77 20.90
N ALA C 181 -19.06 -22.17 20.40
CA ALA C 181 -18.99 -21.41 19.15
C ALA C 181 -18.06 -20.22 19.29
N ALA C 182 -18.23 -19.46 20.37
CA ALA C 182 -17.39 -18.31 20.67
C ALA C 182 -15.92 -18.70 20.77
N GLU C 183 -15.63 -19.82 21.40
CA GLU C 183 -14.24 -20.28 21.53
C GLU C 183 -13.68 -20.65 20.17
N LEU C 184 -14.48 -21.33 19.34
CA LEU C 184 -14.01 -21.70 18.02
C LEU C 184 -13.69 -20.44 17.21
N LEU C 185 -14.57 -19.44 17.29
CA LEU C 185 -14.34 -18.20 16.54
C LEU C 185 -13.10 -17.48 17.08
N ALA C 186 -12.89 -17.55 18.40
CA ALA C 186 -11.77 -16.85 19.02
C ALA C 186 -10.43 -17.41 18.53
N GLN C 187 -10.35 -18.70 18.21
CA GLN C 187 -9.08 -19.27 17.79
C GLN C 187 -8.54 -18.62 16.52
N ARG C 188 -9.45 -18.17 15.64
CA ARG C 188 -9.08 -17.49 14.41
C ARG C 188 -9.35 -15.99 14.48
N GLY C 189 -9.96 -15.50 15.55
CA GLY C 189 -10.43 -14.12 15.57
C GLY C 189 -9.69 -13.22 16.52
N LEU C 190 -8.76 -13.77 17.33
CA LEU C 190 -8.01 -12.95 18.28
C LEU C 190 -6.59 -12.73 17.82
N GLU C 191 -6.07 -11.52 18.07
CA GLU C 191 -4.69 -11.17 17.89
C GLU C 191 -4.08 -10.68 19.20
N PRO C 192 -2.80 -10.98 19.43
CA PRO C 192 -2.13 -10.51 20.66
C PRO C 192 -1.77 -9.05 20.55
N VAL C 193 -1.98 -8.34 21.64
CA VAL C 193 -1.66 -6.92 21.78
C VAL C 193 -1.03 -6.75 23.16
N PRO C 194 -0.45 -5.60 23.46
CA PRO C 194 0.24 -5.48 24.76
C PRO C 194 -0.76 -5.74 25.88
N GLY C 195 -0.49 -6.76 26.68
CA GLY C 195 -1.33 -7.09 27.81
C GLY C 195 -2.50 -8.01 27.56
N GLY C 196 -2.65 -8.54 26.33
CA GLY C 196 -3.63 -9.58 26.11
C GLY C 196 -4.00 -9.82 24.67
N TYR C 197 -5.30 -10.04 24.45
CA TYR C 197 -5.91 -10.30 23.15
C TYR C 197 -6.96 -9.24 22.80
N THR C 198 -7.11 -9.00 21.51
CA THR C 198 -8.15 -8.17 20.90
C THR C 198 -8.80 -8.99 19.78
N TRP C 199 -10.10 -8.77 19.55
CA TRP C 199 -10.84 -9.33 18.41
C TRP C 199 -10.36 -8.60 17.17
N ARG C 200 -9.61 -9.26 16.32
CA ARG C 200 -9.02 -8.60 15.16
C ARG C 200 -10.10 -8.09 14.23
N THR C 201 -10.00 -6.83 13.85
CA THR C 201 -11.05 -6.21 13.07
C THR C 201 -10.45 -4.97 12.43
N ASP C 202 -11.18 -4.45 11.45
CA ASP C 202 -10.90 -3.18 10.81
C ASP C 202 -11.97 -2.20 11.24
N ALA C 203 -11.54 -1.05 11.73
CA ALA C 203 -12.48 0.00 12.13
C ALA C 203 -13.43 0.39 11.00
N ARG C 204 -13.02 0.26 9.74
CA ARG C 204 -13.92 0.69 8.67
C ARG C 204 -15.11 -0.24 8.51
N LEU C 205 -15.13 -1.38 9.20
CA LEU C 205 -16.26 -2.30 9.11
C LEU C 205 -17.49 -1.78 9.83
N THR C 206 -17.31 -0.79 10.71
CA THR C 206 -18.40 -0.14 11.43
C THR C 206 -19.07 0.97 10.62
N LEU C 207 -18.45 1.44 9.54
CA LEU C 207 -18.98 2.55 8.77
C LEU C 207 -20.28 2.16 8.06
N PRO C 208 -21.22 3.08 7.92
CA PRO C 208 -22.43 2.77 7.16
C PRO C 208 -22.19 2.91 5.67
N SER C 209 -23.00 2.19 4.90
CA SER C 209 -22.86 2.21 3.45
C SER C 209 -23.18 3.60 2.89
N PRO C 210 -22.45 4.07 1.89
CA PRO C 210 -22.84 5.34 1.26
C PRO C 210 -24.11 5.22 0.39
N LEU C 211 -24.52 4.00 0.06
CA LEU C 211 -25.62 3.79 -0.88
C LEU C 211 -26.16 2.38 -0.65
N ARG C 212 -27.32 2.31 -0.02
CA ARG C 212 -27.93 1.02 0.18
C ARG C 212 -28.66 0.57 -1.08
N LEU C 213 -28.86 -0.73 -1.17
CA LEU C 213 -29.72 -1.35 -2.20
C LEU C 213 -31.15 -0.94 -1.84
N THR C 214 -31.99 -0.61 -2.81
CA THR C 214 -33.43 -0.35 -2.58
C THR C 214 -34.14 -1.70 -2.41
N GLN C 215 -35.35 -1.68 -1.89
CA GLN C 215 -36.13 -2.92 -1.72
C GLN C 215 -36.27 -3.53 -3.11
N ALA C 216 -36.44 -2.72 -4.15
CA ALA C 216 -36.55 -3.25 -5.49
C ALA C 216 -35.24 -3.90 -5.95
N HIS C 217 -34.08 -3.28 -5.64
CA HIS C 217 -32.80 -3.93 -5.97
C HIS C 217 -32.71 -5.34 -5.37
N ALA C 218 -32.98 -5.46 -4.08
CA ALA C 218 -32.89 -6.72 -3.32
C ALA C 218 -33.81 -7.77 -3.95
N LEU C 219 -35.03 -7.39 -4.29
CA LEU C 219 -36.03 -8.29 -4.89
C LEU C 219 -35.52 -8.78 -6.25
N ASN C 220 -34.98 -7.88 -7.06
CA ASN C 220 -34.48 -8.21 -8.40
C ASN C 220 -33.32 -9.19 -8.30
N PHE C 221 -32.40 -9.04 -7.34
CA PHE C 221 -31.27 -9.97 -7.18
C PHE C 221 -31.79 -11.37 -6.83
N VAL C 222 -32.70 -11.46 -5.88
CA VAL C 222 -33.23 -12.75 -5.40
C VAL C 222 -34.02 -13.40 -6.56
N ARG C 223 -34.75 -12.61 -7.32
CA ARG C 223 -35.52 -13.11 -8.44
CA ARG C 223 -35.52 -13.13 -8.43
C ARG C 223 -34.66 -13.41 -9.65
N SER C 224 -33.39 -13.02 -9.60
CA SER C 224 -32.47 -13.33 -10.68
C SER C 224 -31.65 -14.58 -10.41
N VAL C 225 -31.78 -15.19 -9.22
CA VAL C 225 -31.03 -16.41 -8.93
C VAL C 225 -31.63 -17.53 -9.77
N GLU C 226 -30.80 -18.14 -10.62
CA GLU C 226 -31.21 -19.19 -11.55
C GLU C 226 -30.86 -20.60 -11.10
N CYS C 227 -30.00 -20.76 -10.12
CA CYS C 227 -29.47 -22.04 -9.72
C CYS C 227 -30.29 -22.57 -8.57
N PRO C 228 -30.20 -23.86 -8.26
CA PRO C 228 -30.87 -24.36 -7.07
C PRO C 228 -30.38 -23.67 -5.82
N VAL C 229 -31.30 -23.44 -4.89
CA VAL C 229 -31.03 -22.78 -3.62
C VAL C 229 -31.63 -23.59 -2.49
N SER C 230 -30.84 -23.84 -1.45
CA SER C 230 -31.33 -24.44 -0.21
C SER C 230 -31.06 -23.48 0.93
N LEU C 231 -32.13 -22.98 1.55
CA LEU C 231 -32.05 -22.00 2.63
C LEU C 231 -32.47 -22.63 3.94
N VAL C 232 -31.59 -22.56 4.96
CA VAL C 232 -31.89 -23.02 6.30
C VAL C 232 -32.16 -21.81 7.19
N LEU C 233 -33.31 -21.79 7.86
CA LEU C 233 -33.61 -20.76 8.83
C LEU C 233 -33.53 -21.34 10.24
N ALA C 234 -32.95 -20.56 11.15
CA ALA C 234 -32.91 -20.91 12.57
C ALA C 234 -34.25 -20.61 13.25
N GLU C 235 -34.77 -21.61 13.97
CA GLU C 235 -36.08 -21.47 14.61
C GLU C 235 -36.08 -20.36 15.67
N GLN C 236 -34.96 -20.13 16.35
CA GLN C 236 -34.81 -19.07 17.33
C GLN C 236 -33.98 -17.89 16.81
N GLY C 237 -33.95 -17.71 15.49
CA GLY C 237 -33.47 -16.50 14.88
C GLY C 237 -34.61 -15.59 14.47
N MET C 238 -34.25 -14.52 13.78
CA MET C 238 -35.23 -13.52 13.37
C MET C 238 -35.89 -13.80 12.03
N LEU C 239 -35.17 -14.41 11.09
CA LEU C 239 -35.75 -14.55 9.76
C LEU C 239 -36.94 -15.50 9.79
N ALA C 240 -36.83 -16.58 10.56
CA ALA C 240 -37.89 -17.58 10.62
C ALA C 240 -39.18 -17.01 11.21
N VAL C 241 -39.11 -15.86 11.89
CA VAL C 241 -40.28 -15.24 12.51
C VAL C 241 -40.76 -14.01 11.77
N GLU C 242 -40.04 -13.56 10.76
CA GLU C 242 -40.43 -12.35 10.07
C GLU C 242 -41.47 -12.67 9.01
N PRO C 243 -42.68 -12.11 9.09
CA PRO C 243 -43.70 -12.47 8.10
C PRO C 243 -43.42 -11.89 6.73
N ARG C 244 -42.75 -10.73 6.63
CA ARG C 244 -42.37 -10.27 5.31
C ARG C 244 -41.40 -11.25 4.65
N MET C 245 -40.59 -11.93 5.46
CA MET C 245 -39.64 -12.88 4.89
C MET C 245 -40.38 -14.09 4.33
N ARG C 246 -41.35 -14.61 5.09
CA ARG C 246 -42.13 -15.76 4.64
C ARG C 246 -42.90 -15.45 3.35
N ALA C 247 -43.53 -14.28 3.29
CA ALA C 247 -44.25 -13.89 2.07
C ALA C 247 -43.32 -13.83 0.87
N LEU C 248 -42.11 -13.29 1.07
CA LEU C 248 -41.13 -13.29 -0.01
C LEU C 248 -40.80 -14.72 -0.44
N LEU C 249 -40.49 -15.58 0.52
CA LEU C 249 -40.06 -16.94 0.17
C LEU C 249 -41.15 -17.69 -0.58
N GLU C 250 -42.42 -17.45 -0.27
CA GLU C 250 -43.44 -18.22 -1.01
C GLU C 250 -43.49 -17.82 -2.48
N THR C 251 -42.86 -16.72 -2.86
CA THR C 251 -42.85 -16.33 -4.27
C THR C 251 -41.59 -16.81 -5.00
N LEU C 252 -40.71 -17.53 -4.31
CA LEU C 252 -39.40 -17.90 -4.86
C LEU C 252 -39.29 -19.41 -4.96
N PRO C 253 -38.50 -19.93 -5.89
CA PRO C 253 -38.38 -21.39 -6.02
C PRO C 253 -37.43 -22.04 -5.02
N PHE C 254 -36.95 -21.33 -4.01
CA PHE C 254 -35.88 -21.85 -3.17
C PHE C 254 -36.42 -22.92 -2.22
N GLU C 255 -35.64 -23.99 -2.01
CA GLU C 255 -35.94 -24.92 -0.94
C GLU C 255 -35.70 -24.28 0.42
N ARG C 256 -36.58 -24.58 1.38
CA ARG C 256 -36.54 -23.99 2.71
C ARG C 256 -36.58 -25.10 3.77
N HIS C 257 -35.80 -24.94 4.82
CA HIS C 257 -35.86 -25.82 5.98
C HIS C 257 -35.70 -24.99 7.23
N HIS C 258 -36.44 -25.31 8.27
CA HIS C 258 -36.31 -24.66 9.59
C HIS C 258 -35.69 -25.69 10.54
N LEU C 259 -34.75 -25.29 11.38
CA LEU C 259 -34.06 -26.19 12.32
C LEU C 259 -33.98 -25.54 13.70
N PRO C 260 -33.98 -26.30 14.79
CA PRO C 260 -33.88 -25.69 16.09
C PRO C 260 -32.49 -25.09 16.31
N GLY C 261 -32.41 -23.99 17.02
CA GLY C 261 -31.16 -23.35 17.36
C GLY C 261 -31.18 -21.87 17.02
N GLY C 262 -30.09 -21.22 17.41
CA GLY C 262 -29.92 -19.80 17.16
C GLY C 262 -29.33 -19.54 15.79
N HIS C 263 -28.95 -18.28 15.60
CA HIS C 263 -28.38 -17.78 14.36
C HIS C 263 -27.08 -18.48 13.97
N HIS C 264 -26.33 -18.99 14.94
CA HIS C 264 -25.13 -19.78 14.71
C HIS C 264 -25.35 -21.29 14.92
N LEU C 265 -26.56 -21.78 14.61
CA LEU C 265 -26.90 -23.16 14.93
C LEU C 265 -25.94 -24.19 14.34
N HIS C 266 -25.39 -23.92 13.15
CA HIS C 266 -24.44 -24.83 12.52
C HIS C 266 -23.08 -24.86 13.23
N LEU C 267 -22.85 -23.98 14.21
CA LEU C 267 -21.58 -23.87 14.93
C LEU C 267 -21.68 -24.14 16.43
N ASP C 268 -22.86 -23.88 17.02
CA ASP C 268 -23.07 -23.99 18.47
C ASP C 268 -22.78 -25.39 19.02
N ASP C 269 -23.20 -26.45 18.31
CA ASP C 269 -22.98 -27.82 18.79
C ASP C 269 -22.96 -28.78 17.61
N GLU C 270 -22.51 -29.99 17.91
CA GLU C 270 -22.45 -31.05 16.89
C GLU C 270 -23.83 -31.38 16.35
N ALA C 271 -24.87 -31.26 17.19
CA ALA C 271 -26.22 -31.64 16.78
C ALA C 271 -26.76 -30.72 15.69
N GLY C 272 -26.66 -29.40 15.91
CA GLY C 272 -27.04 -28.44 14.88
C GLY C 272 -26.17 -28.51 13.65
N ALA C 273 -24.89 -28.76 13.84
CA ALA C 273 -23.97 -28.93 12.71
C ALA C 273 -24.46 -30.13 11.90
N GLN C 274 -24.83 -31.22 12.57
CA GLN C 274 -25.33 -32.45 11.90
C GLN C 274 -26.68 -32.14 11.24
N ALA C 275 -27.55 -31.39 11.89
CA ALA C 275 -28.88 -31.03 11.36
C ALA C 275 -28.70 -30.21 10.07
N VAL C 276 -27.82 -29.24 10.05
CA VAL C 276 -27.59 -28.51 8.81
C VAL C 276 -26.92 -29.40 7.76
N ALA C 277 -25.99 -30.25 8.16
CA ALA C 277 -25.26 -31.14 7.24
C ALA C 277 -26.25 -32.08 6.54
N ARG C 278 -27.26 -32.56 7.23
CA ARG C 278 -28.28 -33.47 6.65
C ARG C 278 -28.95 -32.76 5.49
N VAL C 279 -29.35 -31.51 5.68
CA VAL C 279 -30.02 -30.71 4.62
C VAL C 279 -29.09 -30.48 3.43
N PHE C 280 -27.88 -30.00 3.67
CA PHE C 280 -26.92 -29.62 2.60
C PHE C 280 -26.38 -30.85 1.88
N ALA C 281 -26.10 -31.94 2.59
CA ALA C 281 -25.55 -33.18 2.01
C ALA C 281 -26.57 -33.75 1.01
N ALA C 282 -27.85 -33.73 1.35
CA ALA C 282 -28.89 -34.25 0.47
C ALA C 282 -29.08 -33.33 -0.72
N PHE C 283 -28.95 -32.03 -0.50
CA PHE C 283 -29.11 -31.06 -1.56
C PHE C 283 -27.99 -31.17 -2.58
N PHE C 284 -26.76 -31.35 -2.11
CA PHE C 284 -25.54 -31.44 -2.94
C PHE C 284 -25.44 -32.83 -3.58
N ALA C 285 -26.04 -33.85 -2.99
CA ALA C 285 -26.05 -35.25 -3.48
C ALA C 285 -26.83 -35.32 -4.79
N ARG C 286 -27.82 -34.48 -4.99
CA ARG C 286 -28.65 -34.50 -6.21
C ARG C 286 -28.23 -33.36 -7.13
N VAL D 5 2.95 30.54 -2.85
CA VAL D 5 2.62 29.13 -3.03
C VAL D 5 1.33 28.98 -3.87
N GLU D 6 1.45 28.51 -5.12
CA GLU D 6 0.28 28.35 -5.97
C GLU D 6 0.08 26.91 -6.48
N GLU D 7 1.00 26.01 -6.20
CA GLU D 7 0.85 24.60 -6.53
C GLU D 7 1.14 23.83 -5.26
N VAL D 8 0.16 23.12 -4.73
CA VAL D 8 0.36 22.39 -3.46
C VAL D 8 -0.04 20.93 -3.61
N ARG D 9 0.48 20.12 -2.72
CA ARG D 9 0.14 18.70 -2.59
C ARG D 9 -0.60 18.63 -1.26
N ILE D 10 -1.81 18.12 -1.21
CA ILE D 10 -2.63 18.06 0.03
C ILE D 10 -2.69 16.61 0.49
N SER D 11 -2.28 16.38 1.72
CA SER D 11 -2.19 15.03 2.30
C SER D 11 -3.48 14.73 3.04
N LEU D 12 -4.24 13.78 2.53
CA LEU D 12 -5.38 13.20 3.23
C LEU D 12 -4.98 11.89 3.88
N PRO D 13 -5.80 11.38 4.77
CA PRO D 13 -5.41 10.15 5.48
C PRO D 13 -5.12 9.00 4.54
N HIS D 14 -5.79 8.94 3.40
CA HIS D 14 -5.73 7.77 2.53
C HIS D 14 -5.07 8.08 1.19
N ILE D 15 -4.83 9.31 0.87
CA ILE D 15 -4.34 9.68 -0.47
C ILE D 15 -3.80 11.09 -0.45
N GLU D 16 -2.89 11.37 -1.38
CA GLU D 16 -2.34 12.68 -1.60
C GLU D 16 -2.88 13.23 -2.91
N LEU D 17 -3.43 14.43 -2.88
CA LEU D 17 -3.99 15.10 -4.06
C LEU D 17 -3.19 16.36 -4.38
N ALA D 18 -3.16 16.71 -5.67
CA ALA D 18 -2.55 17.93 -6.17
C ALA D 18 -3.63 18.98 -6.39
N ALA D 19 -3.26 20.24 -6.19
CA ALA D 19 -4.19 21.32 -6.46
C ALA D 19 -3.42 22.55 -6.89
N HIS D 20 -4.04 23.35 -7.75
CA HIS D 20 -3.50 24.63 -8.19
C HIS D 20 -4.33 25.74 -7.58
N LEU D 21 -3.65 26.73 -6.99
CA LEU D 21 -4.28 27.78 -6.20
C LEU D 21 -4.43 29.04 -7.04
N PHE D 22 -5.64 29.60 -7.05
CA PHE D 22 -5.95 30.83 -7.75
C PHE D 22 -6.52 31.85 -6.76
N GLY D 23 -6.31 33.14 -7.04
CA GLY D 23 -7.01 34.21 -6.33
C GLY D 23 -6.46 34.54 -4.95
N PRO D 24 -7.06 35.53 -4.29
CA PRO D 24 -6.48 36.05 -3.05
C PRO D 24 -6.84 35.19 -1.86
N PRO D 25 -5.94 35.07 -0.88
CA PRO D 25 -6.21 34.17 0.25
C PRO D 25 -7.39 34.59 1.10
N ASP D 26 -7.78 35.86 1.04
CA ASP D 26 -8.99 36.31 1.71
C ASP D 26 -10.23 36.07 0.86
N GLY D 27 -10.06 35.60 -0.38
CA GLY D 27 -11.19 35.41 -1.29
C GLY D 27 -12.24 34.47 -0.71
N LYS D 28 -13.41 34.47 -1.36
CA LYS D 28 -14.45 33.52 -0.97
C LYS D 28 -13.95 32.10 -1.27
N PRO D 29 -14.11 31.15 -0.35
CA PRO D 29 -13.50 29.83 -0.55
C PRO D 29 -14.29 29.01 -1.58
N VAL D 30 -13.59 28.55 -2.61
CA VAL D 30 -14.15 27.72 -3.67
C VAL D 30 -13.22 26.55 -3.95
N ILE D 31 -13.78 25.34 -4.06
CA ILE D 31 -13.09 24.18 -4.64
C ILE D 31 -13.64 23.95 -6.05
N ALA D 32 -12.75 23.91 -7.02
CA ALA D 32 -13.10 23.72 -8.41
C ALA D 32 -12.80 22.29 -8.83
N LEU D 33 -13.82 21.61 -9.33
CA LEU D 33 -13.80 20.18 -9.63
C LEU D 33 -13.95 19.96 -11.13
N HIS D 34 -13.01 19.21 -11.70
CA HIS D 34 -12.95 19.05 -13.15
C HIS D 34 -13.76 17.83 -13.60
N GLY D 35 -13.72 17.56 -14.95
CA GLY D 35 -14.48 16.49 -15.55
C GLY D 35 -13.67 15.18 -15.64
N TRP D 36 -14.38 14.11 -15.97
CA TRP D 36 -13.79 12.79 -16.12
C TRP D 36 -12.59 12.85 -17.06
N LEU D 37 -11.45 12.36 -16.61
CA LEU D 37 -10.21 12.23 -17.34
C LEU D 37 -9.54 13.58 -17.61
N ASP D 38 -10.09 14.70 -17.12
CA ASP D 38 -9.39 15.97 -17.25
C ASP D 38 -8.49 16.19 -16.04
N ASN D 39 -8.25 17.46 -15.68
CA ASN D 39 -7.44 17.84 -14.54
C ASN D 39 -7.70 19.33 -14.30
N ALA D 40 -6.97 19.89 -13.33
CA ALA D 40 -7.23 21.25 -12.86
C ALA D 40 -7.01 22.30 -13.95
N MET D 41 -6.27 21.99 -15.02
CA MET D 41 -6.12 22.98 -16.09
C MET D 41 -7.43 23.25 -16.82
N SER D 42 -8.47 22.45 -16.57
CA SER D 42 -9.79 22.77 -17.06
C SER D 42 -10.25 24.17 -16.65
N PHE D 43 -9.66 24.73 -15.61
CA PHE D 43 -10.05 26.03 -15.08
C PHE D 43 -8.97 27.08 -15.32
N SER D 44 -8.04 26.82 -16.23
CA SER D 44 -6.87 27.69 -16.35
C SER D 44 -7.25 29.03 -16.95
N ARG D 45 -8.23 29.03 -17.85
CA ARG D 45 -8.80 30.25 -18.42
C ARG D 45 -9.80 30.90 -17.47
N LEU D 46 -10.63 30.08 -16.81
CA LEU D 46 -11.77 30.63 -16.09
C LEU D 46 -11.39 31.17 -14.71
N ALA D 47 -10.58 30.42 -13.97
CA ALA D 47 -10.32 30.81 -12.59
C ALA D 47 -9.71 32.20 -12.46
N PRO D 48 -8.75 32.60 -13.29
CA PRO D 48 -8.12 33.91 -13.15
C PRO D 48 -9.11 35.06 -13.36
N LYS D 49 -10.19 34.83 -14.10
CA LYS D 49 -11.23 35.83 -14.40
C LYS D 49 -12.25 35.97 -13.27
N LEU D 50 -12.22 35.10 -12.26
CA LEU D 50 -13.15 35.20 -11.12
C LEU D 50 -12.46 35.87 -9.94
N ALA D 51 -12.35 37.20 -9.94
CA ALA D 51 -11.71 37.92 -8.86
C ALA D 51 -12.56 37.81 -7.61
N GLY D 52 -11.89 37.94 -6.47
CA GLY D 52 -12.58 37.85 -5.21
C GLY D 52 -12.81 36.45 -4.73
N LEU D 53 -12.46 35.44 -5.53
CA LEU D 53 -12.61 34.03 -5.14
C LEU D 53 -11.24 33.39 -4.90
N ARG D 54 -11.12 32.70 -3.77
CA ARG D 54 -9.97 31.84 -3.48
C ARG D 54 -10.31 30.45 -4.01
N ILE D 55 -9.75 30.09 -5.17
CA ILE D 55 -10.15 28.90 -5.89
C ILE D 55 -9.08 27.85 -5.76
N VAL D 56 -9.41 26.76 -5.07
CA VAL D 56 -8.58 25.55 -5.02
C VAL D 56 -9.01 24.65 -6.19
N ALA D 57 -8.20 24.60 -7.25
CA ALA D 57 -8.51 23.79 -8.42
C ALA D 57 -7.86 22.42 -8.19
N LEU D 58 -8.68 21.45 -7.77
CA LEU D 58 -8.24 20.14 -7.33
C LEU D 58 -8.10 19.15 -8.48
N ASP D 59 -7.01 18.37 -8.48
CA ASP D 59 -6.95 17.17 -9.32
C ASP D 59 -7.66 16.02 -8.59
N PHE D 60 -8.73 15.48 -9.17
CA PHE D 60 -9.35 14.28 -8.59
C PHE D 60 -8.32 13.15 -8.52
N ALA D 61 -8.47 12.26 -7.54
CA ALA D 61 -7.71 11.01 -7.51
C ALA D 61 -7.60 10.40 -8.91
N GLY D 62 -6.42 9.91 -9.24
CA GLY D 62 -6.14 9.23 -10.52
C GLY D 62 -6.14 10.18 -11.70
N HIS D 63 -6.14 11.49 -11.48
CA HIS D 63 -6.15 12.50 -12.54
C HIS D 63 -5.03 13.53 -12.34
N GLY D 64 -4.57 14.15 -13.42
CA GLY D 64 -3.59 15.24 -13.34
C GLY D 64 -2.37 14.80 -12.59
N HIS D 65 -2.08 15.47 -11.49
CA HIS D 65 -0.91 15.14 -10.70
C HIS D 65 -1.30 14.55 -9.35
N SER D 66 -2.58 14.29 -9.11
CA SER D 66 -2.97 13.63 -7.88
C SER D 66 -2.61 12.15 -7.94
N ALA D 67 -2.43 11.56 -6.76
CA ALA D 67 -2.07 10.15 -6.68
C ALA D 67 -3.18 9.26 -7.22
N HIS D 68 -2.80 8.09 -7.71
CA HIS D 68 -3.77 7.04 -7.90
C HIS D 68 -4.16 6.47 -6.54
N ARG D 69 -5.38 5.99 -6.46
CA ARG D 69 -5.81 5.35 -5.23
C ARG D 69 -5.06 4.05 -4.97
N ALA D 70 -5.03 3.64 -3.72
CA ALA D 70 -4.41 2.36 -3.40
C ALA D 70 -5.15 1.20 -4.05
N GLU D 71 -4.46 0.07 -4.08
CA GLU D 71 -4.95 -1.20 -4.58
C GLU D 71 -6.33 -1.55 -4.03
N GLY D 72 -7.23 -1.92 -4.94
CA GLY D 72 -8.56 -2.36 -4.55
C GLY D 72 -9.58 -1.26 -4.34
N ALA D 73 -9.15 -0.02 -4.17
CA ALA D 73 -10.09 1.07 -3.94
C ALA D 73 -10.83 1.41 -5.23
N SER D 74 -12.06 1.90 -5.08
CA SER D 74 -12.91 2.27 -6.21
C SER D 74 -12.82 3.77 -6.58
N TYR D 75 -13.26 4.08 -7.81
CA TYR D 75 -13.45 5.45 -8.27
C TYR D 75 -14.93 5.78 -8.47
N LEU D 76 -15.74 5.57 -7.44
CA LEU D 76 -17.19 5.87 -7.49
C LEU D 76 -17.38 7.36 -7.18
N LEU D 77 -18.52 7.92 -7.54
CA LEU D 77 -18.78 9.35 -7.41
C LEU D 77 -18.65 9.82 -5.96
N TRP D 78 -19.10 9.01 -5.01
CA TRP D 78 -19.06 9.42 -3.62
C TRP D 78 -17.69 9.19 -2.96
N ASP D 79 -16.81 8.42 -3.59
CA ASP D 79 -15.40 8.44 -3.17
C ASP D 79 -14.79 9.82 -3.46
N TYR D 80 -15.05 10.37 -4.64
CA TYR D 80 -14.60 11.73 -4.93
C TYR D 80 -15.19 12.72 -3.93
N ALA D 81 -16.46 12.55 -3.61
CA ALA D 81 -17.09 13.48 -2.68
C ALA D 81 -16.39 13.46 -1.33
N LEU D 82 -16.11 12.25 -0.83
CA LEU D 82 -15.37 12.17 0.43
C LEU D 82 -14.03 12.90 0.29
N ASP D 83 -13.33 12.69 -0.81
CA ASP D 83 -12.02 13.30 -0.94
C ASP D 83 -12.12 14.82 -0.87
N VAL D 84 -13.12 15.39 -1.53
CA VAL D 84 -13.31 16.84 -1.51
C VAL D 84 -13.55 17.34 -0.08
N LEU D 85 -14.41 16.67 0.67
CA LEU D 85 -14.66 17.07 2.06
C LEU D 85 -13.38 17.03 2.87
N MET D 86 -12.58 15.99 2.68
CA MET D 86 -11.32 15.91 3.41
C MET D 86 -10.33 16.97 2.97
N VAL D 87 -10.44 17.41 1.70
CA VAL D 87 -9.63 18.55 1.29
C VAL D 87 -10.07 19.80 2.05
N ALA D 88 -11.38 20.03 2.12
CA ALA D 88 -11.90 21.15 2.89
C ALA D 88 -11.37 21.11 4.32
N GLU D 89 -11.42 19.92 4.95
CA GLU D 89 -10.89 19.74 6.29
C GLU D 89 -9.44 20.23 6.41
N GLN D 90 -8.57 19.83 5.47
CA GLN D 90 -7.16 20.21 5.56
C GLN D 90 -6.96 21.71 5.41
N LEU D 91 -7.87 22.39 4.73
CA LEU D 91 -7.82 23.82 4.52
C LEU D 91 -8.48 24.63 5.64
N GLY D 92 -9.18 23.98 6.57
CA GLY D 92 -9.93 24.72 7.59
C GLY D 92 -11.22 25.33 7.09
N TRP D 93 -11.77 24.80 6.02
CA TRP D 93 -13.00 25.34 5.40
C TRP D 93 -14.23 24.61 5.92
N GLU D 94 -15.04 25.28 6.72
CA GLU D 94 -16.28 24.67 7.21
C GLU D 94 -17.43 24.82 6.21
N ARG D 95 -17.61 26.00 5.63
CA ARG D 95 -18.60 26.24 4.55
C ARG D 95 -17.78 26.73 3.36
N PHE D 96 -18.07 26.24 2.17
CA PHE D 96 -17.34 26.63 0.99
C PHE D 96 -18.24 26.44 -0.20
N SER D 97 -17.84 27.03 -1.31
CA SER D 97 -18.55 26.92 -2.58
C SER D 97 -17.87 25.89 -3.49
N LEU D 98 -18.65 25.38 -4.43
CA LEU D 98 -18.15 24.42 -5.40
C LEU D 98 -18.38 24.97 -6.79
N LEU D 99 -17.32 24.93 -7.58
CA LEU D 99 -17.37 25.22 -9.01
C LEU D 99 -17.02 23.94 -9.73
N GLY D 100 -17.97 23.38 -10.45
CA GLY D 100 -17.81 22.07 -11.06
C GLY D 100 -18.11 22.01 -12.53
N HIS D 101 -17.32 21.24 -13.27
CA HIS D 101 -17.53 20.95 -14.68
C HIS D 101 -17.80 19.48 -14.89
N SER D 102 -18.93 19.16 -15.54
CA SER D 102 -19.32 17.82 -15.96
C SER D 102 -19.30 16.87 -14.77
N MET D 103 -18.49 15.81 -14.77
CA MET D 103 -18.40 14.98 -13.58
C MET D 103 -18.19 15.79 -12.29
N GLY D 104 -17.38 16.84 -12.36
CA GLY D 104 -17.17 17.67 -11.18
C GLY D 104 -18.44 18.32 -10.67
N ALA D 105 -19.33 18.69 -11.58
CA ALA D 105 -20.63 19.22 -11.19
C ALA D 105 -21.51 18.13 -10.61
N ILE D 106 -21.40 16.92 -11.12
CA ILE D 106 -22.20 15.84 -10.55
C ILE D 106 -21.78 15.58 -9.10
N VAL D 107 -20.46 15.52 -8.87
CA VAL D 107 -19.94 15.32 -7.52
C VAL D 107 -20.39 16.46 -6.62
N SER D 108 -20.32 17.70 -7.11
CA SER D 108 -20.73 18.87 -6.32
C SER D 108 -22.20 18.77 -5.93
N VAL D 109 -23.04 18.33 -6.85
CA VAL D 109 -24.45 18.17 -6.50
C VAL D 109 -24.65 17.11 -5.43
N LEU D 110 -23.90 15.99 -5.50
CA LEU D 110 -24.05 14.96 -4.47
C LEU D 110 -23.67 15.49 -3.10
N LEU D 111 -22.56 16.22 -3.04
CA LEU D 111 -22.09 16.82 -1.80
C LEU D 111 -23.10 17.81 -1.23
N ALA D 112 -23.66 18.66 -2.09
CA ALA D 112 -24.57 19.68 -1.62
C ALA D 112 -25.86 19.06 -1.13
N GLY D 113 -26.32 17.98 -1.76
CA GLY D 113 -27.53 17.32 -1.30
C GLY D 113 -27.32 16.45 -0.09
N ALA D 114 -26.11 15.92 0.10
CA ALA D 114 -25.86 15.07 1.25
C ALA D 114 -25.51 15.88 2.49
N LEU D 115 -24.79 16.97 2.32
CA LEU D 115 -24.25 17.76 3.44
C LEU D 115 -24.57 19.24 3.17
N PRO D 116 -25.83 19.58 3.11
CA PRO D 116 -26.18 20.99 2.83
C PRO D 116 -25.53 22.00 3.82
N GLU D 117 -25.21 21.58 5.04
CA GLU D 117 -24.57 22.51 5.95
C GLU D 117 -23.17 22.90 5.51
N ARG D 118 -22.54 22.15 4.58
CA ARG D 118 -21.17 22.49 4.19
C ARG D 118 -21.07 23.37 2.95
N ILE D 119 -22.09 23.41 2.11
CA ILE D 119 -21.96 23.94 0.76
C ILE D 119 -22.73 25.25 0.65
N GLU D 120 -22.01 26.31 0.30
CA GLU D 120 -22.59 27.65 0.31
C GLU D 120 -23.31 27.98 -0.98
N ARG D 121 -22.72 27.61 -2.12
CA ARG D 121 -23.36 27.74 -3.42
C ARG D 121 -22.67 26.81 -4.41
N LEU D 122 -23.39 26.52 -5.52
CA LEU D 122 -22.91 25.70 -6.61
C LEU D 122 -22.83 26.51 -7.91
N ALA D 123 -21.65 26.56 -8.51
CA ALA D 123 -21.48 27.06 -9.88
C ALA D 123 -21.16 25.85 -10.77
N LEU D 124 -22.10 25.47 -11.63
CA LEU D 124 -22.01 24.24 -12.41
C LEU D 124 -21.92 24.53 -13.91
N ILE D 125 -21.03 23.83 -14.59
CA ILE D 125 -20.82 23.97 -16.04
C ILE D 125 -21.19 22.68 -16.75
N ASP D 126 -22.33 22.64 -17.43
CA ASP D 126 -22.76 21.56 -18.34
C ASP D 126 -22.76 20.19 -17.69
N GLY D 127 -23.19 20.10 -16.44
CA GLY D 127 -23.33 18.84 -15.71
C GLY D 127 -24.33 18.99 -14.58
N LEU D 128 -25.03 17.93 -14.23
CA LEU D 128 -25.96 18.01 -13.13
C LEU D 128 -26.11 16.69 -12.40
N ILE D 129 -26.58 15.66 -13.11
CA ILE D 129 -26.83 14.38 -12.48
C ILE D 129 -26.08 13.31 -13.26
N PRO D 130 -25.84 12.14 -12.65
CA PRO D 130 -25.17 11.05 -13.36
C PRO D 130 -26.17 10.30 -14.23
N TYR D 131 -25.62 9.51 -15.15
CA TYR D 131 -26.38 8.44 -15.78
C TYR D 131 -26.89 7.50 -14.71
N THR D 132 -28.16 7.15 -14.81
CA THR D 132 -28.86 6.37 -13.82
C THR D 132 -29.14 5.00 -14.37
N GLY D 133 -29.51 4.07 -13.48
CA GLY D 133 -29.89 2.72 -13.84
C GLY D 133 -30.92 2.22 -12.85
N GLU D 134 -31.92 1.48 -13.33
CA GLU D 134 -33.00 1.06 -12.46
C GLU D 134 -32.73 -0.32 -11.90
N ALA D 135 -33.54 -0.68 -10.90
CA ALA D 135 -33.31 -1.91 -10.16
C ALA D 135 -33.42 -3.13 -11.06
N ASP D 136 -34.22 -3.06 -12.14
CA ASP D 136 -34.44 -4.27 -12.93
C ASP D 136 -33.17 -4.71 -13.64
N LYS D 137 -32.31 -3.75 -13.99
CA LYS D 137 -31.06 -4.05 -14.67
C LYS D 137 -29.88 -4.15 -13.71
N ALA D 138 -30.10 -4.04 -12.39
CA ALA D 138 -29.00 -3.94 -11.42
C ALA D 138 -28.23 -5.26 -11.30
N PRO D 139 -28.86 -6.45 -11.26
CA PRO D 139 -28.09 -7.67 -11.20
C PRO D 139 -27.16 -7.78 -12.43
N GLN D 140 -27.67 -7.45 -13.60
CA GLN D 140 -26.91 -7.47 -14.86
C GLN D 140 -25.76 -6.47 -14.81
N LYS D 141 -26.00 -5.26 -14.32
CA LYS D 141 -24.97 -4.21 -14.26
C LYS D 141 -23.87 -4.66 -13.28
N LEU D 142 -24.21 -5.28 -12.17
CA LEU D 142 -23.18 -5.76 -11.24
C LEU D 142 -22.34 -6.85 -11.87
N GLY D 143 -22.99 -7.79 -12.58
CA GLY D 143 -22.23 -8.80 -13.31
C GLY D 143 -21.27 -8.19 -14.31
N GLU D 144 -21.70 -7.16 -15.02
CA GLU D 144 -20.81 -6.48 -15.94
C GLU D 144 -19.64 -5.84 -15.20
N ALA D 145 -19.89 -5.20 -14.04
CA ALA D 145 -18.79 -4.60 -13.29
C ALA D 145 -17.81 -5.66 -12.76
N LEU D 146 -18.33 -6.77 -12.22
CA LEU D 146 -17.45 -7.82 -11.74
C LEU D 146 -16.62 -8.41 -12.86
N LYS D 147 -17.23 -8.67 -14.01
CA LYS D 147 -16.46 -9.20 -15.12
C LYS D 147 -15.42 -8.20 -15.62
N ALA D 148 -15.74 -6.91 -15.64
CA ALA D 148 -14.72 -5.93 -16.05
C ALA D 148 -13.57 -5.84 -15.04
N GLN D 149 -13.85 -6.04 -13.74
CA GLN D 149 -12.75 -6.05 -12.78
C GLN D 149 -11.80 -7.19 -13.07
N LEU D 150 -12.34 -8.36 -13.38
CA LEU D 150 -11.50 -9.51 -13.71
C LEU D 150 -10.62 -9.22 -14.91
N ALA D 151 -11.16 -8.54 -15.90
CA ALA D 151 -10.43 -8.23 -17.12
C ALA D 151 -9.52 -7.03 -16.98
N LEU D 152 -9.57 -6.31 -15.88
CA LEU D 152 -8.86 -5.03 -15.74
C LEU D 152 -7.37 -5.19 -15.92
N ARG D 153 -6.76 -6.23 -15.38
CA ARG D 153 -5.31 -6.35 -15.45
C ARG D 153 -4.82 -6.22 -16.89
N HIS D 154 -5.55 -6.81 -17.84
CA HIS D 154 -5.22 -6.72 -19.26
C HIS D 154 -5.83 -5.47 -19.90
N LYS D 155 -5.40 -4.29 -19.43
CA LYS D 155 -5.98 -3.03 -19.90
C LYS D 155 -4.89 -2.10 -20.41
N ARG D 156 -5.22 -1.56 -21.58
CA ARG D 156 -4.37 -0.76 -22.51
C ARG D 156 -3.94 0.61 -21.97
N LYS D 157 -2.72 1.06 -22.29
CA LYS D 157 -2.19 2.40 -21.94
C LYS D 157 -1.55 2.98 -23.21
N PRO D 158 -2.21 3.82 -24.03
CA PRO D 158 -1.59 4.37 -25.25
C PRO D 158 -0.37 5.27 -25.04
N VAL D 159 0.55 5.27 -25.99
CA VAL D 159 1.80 6.03 -25.97
C VAL D 159 1.93 6.82 -27.26
N TYR D 160 2.51 8.01 -27.15
CA TYR D 160 2.58 9.00 -28.23
C TYR D 160 4.02 9.46 -28.31
N ALA D 161 4.70 9.12 -29.40
CA ALA D 161 6.10 9.50 -29.57
C ALA D 161 6.32 11.00 -29.54
N GLU D 162 5.27 11.81 -29.61
CA GLU D 162 5.46 13.25 -29.80
C GLU D 162 4.27 14.03 -29.29
N LEU D 163 4.54 15.26 -28.84
CA LEU D 163 3.56 16.03 -28.09
C LEU D 163 2.27 16.26 -28.87
N GLU D 164 2.34 16.96 -30.02
CA GLU D 164 1.10 17.37 -30.67
C GLU D 164 0.22 16.18 -31.03
N LYS D 165 0.82 15.00 -31.23
CA LYS D 165 0.03 13.80 -31.50
C LYS D 165 -0.79 13.38 -30.28
N ALA D 166 -0.21 13.52 -29.09
CA ALA D 166 -0.97 13.29 -27.87
C ALA D 166 -2.08 14.32 -27.70
N VAL D 167 -1.74 15.60 -27.92
CA VAL D 167 -2.74 16.66 -27.97
C VAL D 167 -3.87 16.29 -28.94
N GLU D 168 -3.49 15.95 -30.18
CA GLU D 168 -4.50 15.61 -31.19
C GLU D 168 -5.37 14.44 -30.74
N ALA D 169 -4.77 13.41 -30.14
CA ALA D 169 -5.54 12.30 -29.62
C ALA D 169 -6.63 12.77 -28.65
N ARG D 170 -6.37 13.84 -27.90
CA ARG D 170 -7.35 14.34 -26.93
C ARG D 170 -8.46 15.13 -27.59
N MET D 171 -8.15 15.77 -28.70
CA MET D 171 -9.11 16.60 -29.47
C MET D 171 -10.20 15.71 -30.03
N ARG D 172 -9.85 14.47 -30.33
CA ARG D 172 -10.76 13.48 -30.92
C ARG D 172 -11.32 12.53 -29.86
N GLY D 173 -11.07 12.76 -28.57
CA GLY D 173 -11.41 11.89 -27.42
C GLY D 173 -12.87 11.80 -27.01
N VAL D 174 -13.15 12.01 -25.73
CA VAL D 174 -14.49 11.81 -25.17
C VAL D 174 -15.45 12.81 -25.80
N GLY D 175 -15.07 14.09 -25.81
CA GLY D 175 -15.81 15.10 -26.51
C GLY D 175 -14.87 15.98 -27.32
N GLU D 176 -15.49 16.83 -28.13
CA GLU D 176 -14.76 17.79 -28.93
C GLU D 176 -14.42 19.04 -28.13
N ILE D 177 -13.15 19.42 -28.21
CA ILE D 177 -12.56 20.54 -27.50
C ILE D 177 -11.46 21.14 -28.38
N SER D 178 -11.18 22.41 -28.17
CA SER D 178 -10.24 23.12 -29.02
C SER D 178 -8.81 22.63 -28.83
N ARG D 179 -7.97 22.92 -29.84
CA ARG D 179 -6.57 22.56 -29.72
C ARG D 179 -5.92 23.23 -28.53
N GLU D 180 -6.31 24.48 -28.22
CA GLU D 180 -5.72 25.13 -27.06
C GLU D 180 -6.17 24.46 -25.76
N ALA D 181 -7.45 24.10 -25.66
CA ALA D 181 -7.92 23.37 -24.50
C ALA D 181 -7.09 22.09 -24.30
N ALA D 182 -6.96 21.30 -25.36
CA ALA D 182 -6.18 20.06 -25.29
C ALA D 182 -4.74 20.32 -24.88
N GLU D 183 -4.14 21.38 -25.43
CA GLU D 183 -2.80 21.78 -25.03
C GLU D 183 -2.75 22.16 -23.55
N LEU D 184 -3.74 22.92 -23.08
CA LEU D 184 -3.77 23.31 -21.68
C LEU D 184 -3.92 22.09 -20.78
N LEU D 185 -4.80 21.15 -21.16
CA LEU D 185 -4.95 19.93 -20.37
C LEU D 185 -3.67 19.11 -20.40
N ALA D 186 -2.99 19.06 -21.55
CA ALA D 186 -1.83 18.20 -21.70
C ALA D 186 -0.69 18.60 -20.77
N GLN D 187 -0.61 19.89 -20.40
CA GLN D 187 0.49 20.36 -19.58
C GLN D 187 0.47 19.77 -18.18
N ARG D 188 -0.72 19.36 -17.72
CA ARG D 188 -0.94 18.68 -16.46
C ARG D 188 -1.30 17.21 -16.64
N GLY D 189 -1.58 16.78 -17.88
CA GLY D 189 -2.13 15.45 -18.11
C GLY D 189 -1.20 14.42 -18.71
N LEU D 190 0.00 14.84 -19.12
CA LEU D 190 0.95 13.95 -19.77
C LEU D 190 2.11 13.61 -18.82
N GLU D 191 2.55 12.35 -18.88
CA GLU D 191 3.68 11.84 -18.16
C GLU D 191 4.64 11.16 -19.13
N PRO D 192 5.95 11.33 -18.93
CA PRO D 192 6.92 10.73 -19.85
C PRO D 192 7.04 9.24 -19.64
N VAL D 193 7.14 8.52 -20.74
CA VAL D 193 7.34 7.06 -20.73
C VAL D 193 8.47 6.75 -21.70
N PRO D 194 8.99 5.51 -21.72
CA PRO D 194 10.01 5.19 -22.72
C PRO D 194 9.36 5.27 -24.08
N GLY D 195 9.82 6.23 -24.89
CA GLY D 195 9.19 6.45 -26.16
C GLY D 195 8.01 7.40 -26.13
N GLY D 196 8.04 8.40 -25.24
CA GLY D 196 7.24 9.60 -25.42
C GLY D 196 6.37 9.84 -24.19
N TYR D 197 5.12 10.27 -24.47
CA TYR D 197 4.18 10.65 -23.45
C TYR D 197 2.96 9.73 -23.49
N THR D 198 2.36 9.51 -22.32
CA THR D 198 1.01 8.99 -22.22
C THR D 198 0.16 9.94 -21.38
N TRP D 199 -1.14 9.83 -21.54
CA TRP D 199 -2.09 10.64 -20.76
C TRP D 199 -2.16 9.95 -19.40
N ARG D 200 -1.64 10.56 -18.33
CA ARG D 200 -1.60 9.92 -17.00
C ARG D 200 -3.05 9.58 -16.63
N THR D 201 -3.33 8.34 -16.25
CA THR D 201 -4.68 7.88 -15.90
C THR D 201 -4.55 6.58 -15.14
N ASP D 202 -5.66 6.12 -14.63
CA ASP D 202 -5.75 4.90 -13.85
C ASP D 202 -6.76 4.06 -14.58
N ALA D 203 -6.37 2.83 -14.93
CA ALA D 203 -7.24 1.96 -15.70
C ALA D 203 -8.57 1.77 -15.03
N ARG D 204 -8.61 1.87 -13.69
CA ARG D 204 -9.88 1.66 -13.00
C ARG D 204 -10.93 2.70 -13.36
N LEU D 205 -10.51 3.87 -13.85
CA LEU D 205 -11.46 4.93 -14.18
C LEU D 205 -12.41 4.53 -15.31
N THR D 206 -12.08 3.50 -16.07
CA THR D 206 -12.91 2.97 -17.17
C THR D 206 -13.85 1.87 -16.66
N LEU D 207 -13.77 1.45 -15.41
CA LEU D 207 -14.61 0.37 -14.87
C LEU D 207 -16.06 0.84 -14.70
N PRO D 208 -17.08 0.05 -15.03
CA PRO D 208 -18.45 0.45 -14.82
C PRO D 208 -18.82 0.36 -13.34
N SER D 209 -19.69 1.24 -12.87
CA SER D 209 -20.08 1.23 -11.47
C SER D 209 -20.76 -0.10 -11.16
N PRO D 210 -20.57 -0.65 -9.95
CA PRO D 210 -21.33 -1.85 -9.58
C PRO D 210 -22.78 -1.59 -9.21
N LEU D 211 -23.14 -0.33 -8.94
CA LEU D 211 -24.48 0.05 -8.53
C LEU D 211 -24.72 1.49 -8.92
N ARG D 212 -25.53 1.70 -9.94
CA ARG D 212 -25.87 3.05 -10.42
C ARG D 212 -26.92 3.67 -9.51
N LEU D 213 -26.97 4.98 -9.46
CA LEU D 213 -28.07 5.69 -8.79
C LEU D 213 -29.31 5.45 -9.65
N THR D 214 -30.47 5.20 -9.06
CA THR D 214 -31.74 5.14 -9.83
C THR D 214 -32.20 6.56 -10.13
N GLN D 215 -33.08 6.75 -11.10
CA GLN D 215 -33.61 8.06 -11.39
C GLN D 215 -34.14 8.75 -10.12
N ALA D 216 -34.85 8.00 -9.29
CA ALA D 216 -35.36 8.57 -8.04
C ALA D 216 -34.22 9.07 -7.16
N HIS D 217 -33.12 8.29 -7.10
CA HIS D 217 -31.95 8.74 -6.34
CA HIS D 217 -31.95 8.73 -6.34
C HIS D 217 -31.48 10.08 -6.85
N ALA D 218 -31.24 10.18 -8.15
CA ALA D 218 -30.71 11.41 -8.73
C ALA D 218 -31.65 12.58 -8.48
N LEU D 219 -32.97 12.32 -8.57
CA LEU D 219 -33.96 13.39 -8.38
CA LEU D 219 -33.95 13.38 -8.39
C LEU D 219 -33.98 13.85 -6.93
N ASN D 220 -33.85 12.93 -5.99
CA ASN D 220 -33.81 13.28 -4.59
C ASN D 220 -32.57 14.06 -4.22
N PHE D 221 -31.46 13.82 -4.91
CA PHE D 221 -30.29 14.63 -4.64
C PHE D 221 -30.47 16.08 -5.08
N VAL D 222 -30.96 16.30 -6.30
CA VAL D 222 -31.15 17.67 -6.84
C VAL D 222 -32.21 18.38 -5.99
N ARG D 223 -33.23 17.68 -5.55
CA ARG D 223 -34.31 18.19 -4.69
C ARG D 223 -33.77 18.52 -3.30
N SER D 224 -32.72 17.86 -2.84
CA SER D 224 -32.11 18.08 -1.50
C SER D 224 -31.15 19.27 -1.48
N VAL D 225 -30.81 19.87 -2.62
CA VAL D 225 -29.90 21.00 -2.65
C VAL D 225 -30.60 22.17 -1.98
N GLU D 226 -29.88 22.86 -1.09
CA GLU D 226 -30.46 23.93 -0.29
C GLU D 226 -29.83 25.29 -0.56
N CYS D 227 -28.73 25.34 -1.30
CA CYS D 227 -28.01 26.56 -1.57
C CYS D 227 -28.34 27.04 -2.98
N PRO D 228 -27.99 28.29 -3.30
CA PRO D 228 -28.15 28.75 -4.67
C PRO D 228 -27.29 27.99 -5.67
N VAL D 229 -27.81 27.85 -6.88
CA VAL D 229 -27.19 27.10 -7.95
C VAL D 229 -27.20 27.94 -9.22
N SER D 230 -26.05 28.04 -9.88
CA SER D 230 -25.96 28.63 -11.20
C SER D 230 -25.48 27.56 -12.15
N LEU D 231 -26.31 27.20 -13.13
CA LEU D 231 -26.04 26.14 -14.10
C LEU D 231 -25.86 26.75 -15.48
N VAL D 232 -24.65 26.70 -15.99
CA VAL D 232 -24.34 27.05 -17.37
C VAL D 232 -24.52 25.82 -18.23
N LEU D 233 -25.27 25.97 -19.32
CA LEU D 233 -25.53 24.89 -20.26
C LEU D 233 -25.03 25.28 -21.63
N ALA D 234 -24.24 24.40 -22.23
CA ALA D 234 -23.68 24.64 -23.55
C ALA D 234 -24.72 24.30 -24.61
N GLU D 235 -24.89 25.21 -25.57
CA GLU D 235 -25.87 24.97 -26.62
C GLU D 235 -25.49 23.74 -27.45
N GLN D 236 -24.19 23.57 -27.72
CA GLN D 236 -23.70 22.40 -28.44
C GLN D 236 -23.29 21.26 -27.52
N GLY D 237 -23.50 21.40 -26.22
CA GLY D 237 -23.42 20.26 -25.33
C GLY D 237 -24.69 19.42 -25.40
N MET D 238 -24.52 18.12 -25.21
CA MET D 238 -25.66 17.22 -25.21
C MET D 238 -26.47 17.26 -23.92
N LEU D 239 -25.99 17.92 -22.87
CA LEU D 239 -26.86 18.13 -21.73
C LEU D 239 -28.05 19.00 -22.13
N ALA D 240 -27.77 20.20 -22.63
CA ALA D 240 -28.86 21.06 -23.06
C ALA D 240 -29.66 20.44 -24.20
N VAL D 241 -29.06 19.50 -24.93
CA VAL D 241 -29.73 18.91 -26.10
C VAL D 241 -30.78 17.88 -25.69
N GLU D 242 -30.64 17.25 -24.52
CA GLU D 242 -31.55 16.20 -24.10
C GLU D 242 -32.88 16.79 -23.63
N PRO D 243 -34.02 16.29 -24.19
CA PRO D 243 -35.32 16.87 -23.82
C PRO D 243 -35.79 16.57 -22.44
N ARG D 244 -35.38 15.41 -21.94
CA ARG D 244 -35.74 14.95 -20.59
C ARG D 244 -35.10 15.92 -19.60
N MET D 245 -33.88 16.35 -19.88
CA MET D 245 -33.11 17.28 -19.03
C MET D 245 -33.79 18.65 -18.99
N ARG D 246 -34.33 19.13 -20.11
CA ARG D 246 -35.00 20.45 -20.15
C ARG D 246 -36.21 20.38 -19.22
N ALA D 247 -36.96 19.29 -19.29
CA ALA D 247 -38.15 19.08 -18.46
C ALA D 247 -37.72 19.07 -16.99
N LEU D 248 -36.68 18.32 -16.66
CA LEU D 248 -36.23 18.24 -15.28
C LEU D 248 -35.82 19.61 -14.77
N LEU D 249 -35.03 20.35 -15.56
CA LEU D 249 -34.54 21.66 -15.11
C LEU D 249 -35.68 22.65 -14.85
N GLU D 250 -36.75 22.59 -15.65
CA GLU D 250 -37.90 23.47 -15.39
C GLU D 250 -38.55 23.22 -14.02
N THR D 251 -38.39 22.03 -13.44
CA THR D 251 -38.97 21.75 -12.13
C THR D 251 -38.06 22.16 -10.98
N LEU D 252 -36.91 22.75 -11.28
CA LEU D 252 -35.90 23.03 -10.28
C LEU D 252 -35.69 24.54 -10.20
N PRO D 253 -35.30 25.06 -9.03
CA PRO D 253 -35.07 26.51 -8.90
C PRO D 253 -33.74 26.99 -9.46
N PHE D 254 -32.88 26.10 -9.96
CA PHE D 254 -31.53 26.50 -10.33
C PHE D 254 -31.53 27.58 -11.42
N GLU D 255 -30.61 28.55 -11.29
CA GLU D 255 -30.45 29.59 -12.31
C GLU D 255 -29.80 29.03 -13.56
N ARG D 256 -30.47 29.14 -14.69
CA ARG D 256 -29.95 28.59 -15.94
C ARG D 256 -29.52 29.70 -16.90
N HIS D 257 -28.37 29.49 -17.52
CA HIS D 257 -27.84 30.35 -18.57
C HIS D 257 -27.33 29.48 -19.71
N HIS D 258 -27.98 29.56 -20.86
CA HIS D 258 -27.51 28.87 -22.06
C HIS D 258 -26.50 29.77 -22.77
N LEU D 259 -25.39 29.18 -23.20
CA LEU D 259 -24.30 29.94 -23.77
C LEU D 259 -23.83 29.17 -24.99
N PRO D 260 -23.48 29.86 -26.07
CA PRO D 260 -22.96 29.16 -27.25
C PRO D 260 -21.64 28.51 -26.91
N GLY D 261 -21.45 27.30 -27.41
CA GLY D 261 -20.21 26.61 -27.16
C GLY D 261 -20.42 25.13 -26.94
N GLY D 262 -19.30 24.41 -26.89
CA GLY D 262 -19.33 22.99 -26.63
C GLY D 262 -19.21 22.68 -25.15
N HIS D 263 -19.22 21.37 -24.87
CA HIS D 263 -19.17 20.89 -23.51
C HIS D 263 -18.07 21.55 -22.69
N HIS D 264 -16.95 21.87 -23.32
CA HIS D 264 -15.78 22.49 -22.65
C HIS D 264 -15.68 23.96 -23.01
N LEU D 265 -16.80 24.67 -23.05
CA LEU D 265 -16.88 26.10 -23.47
C LEU D 265 -16.03 27.00 -22.58
N HIS D 266 -15.87 26.70 -21.30
CA HIS D 266 -15.09 27.50 -20.34
C HIS D 266 -13.60 27.35 -20.66
N LEU D 267 -13.20 26.40 -21.47
CA LEU D 267 -11.79 26.13 -21.70
C LEU D 267 -11.39 26.29 -23.16
N ASP D 268 -12.32 26.07 -24.09
CA ASP D 268 -12.02 26.05 -25.52
C ASP D 268 -11.34 27.33 -26.01
N ASP D 269 -11.78 28.49 -25.52
CA ASP D 269 -11.21 29.76 -25.96
C ASP D 269 -11.52 30.84 -24.94
N GLU D 270 -10.86 31.98 -25.11
CA GLU D 270 -11.03 33.07 -24.16
C GLU D 270 -12.44 33.65 -24.20
N ALA D 271 -13.13 33.50 -25.32
CA ALA D 271 -14.48 34.05 -25.41
C ALA D 271 -15.45 33.25 -24.54
N GLY D 272 -15.35 31.92 -24.59
CA GLY D 272 -16.19 31.11 -23.71
C GLY D 272 -15.86 31.31 -22.25
N ALA D 273 -14.58 31.31 -21.91
CA ALA D 273 -14.18 31.55 -20.53
C ALA D 273 -14.75 32.87 -20.02
N GLN D 274 -14.66 33.92 -20.86
CA GLN D 274 -15.16 35.22 -20.44
C GLN D 274 -16.68 35.21 -20.29
N ALA D 275 -17.38 34.57 -21.22
CA ALA D 275 -18.83 34.43 -21.08
C ALA D 275 -19.21 33.71 -19.80
N VAL D 276 -18.52 32.61 -19.49
CA VAL D 276 -18.89 31.86 -18.29
C VAL D 276 -18.57 32.67 -17.05
N ALA D 277 -17.43 33.37 -17.07
CA ALA D 277 -17.03 34.17 -15.92
C ALA D 277 -18.03 35.27 -15.63
N ARG D 278 -18.60 35.88 -16.67
CA ARG D 278 -19.61 36.92 -16.45
C ARG D 278 -20.72 36.39 -15.55
N VAL D 279 -21.31 35.26 -15.97
CA VAL D 279 -22.42 34.66 -15.23
C VAL D 279 -22.02 34.39 -13.79
N PHE D 280 -20.84 33.76 -13.59
CA PHE D 280 -20.50 33.32 -12.23
C PHE D 280 -20.02 34.47 -11.35
N ALA D 281 -19.28 35.43 -11.92
CA ALA D 281 -18.89 36.60 -11.13
C ALA D 281 -20.12 37.27 -10.55
N ALA D 282 -21.18 37.42 -11.36
CA ALA D 282 -22.41 38.03 -10.83
C ALA D 282 -23.02 37.15 -9.77
N PHE D 283 -23.07 35.84 -10.03
CA PHE D 283 -23.61 34.87 -9.08
C PHE D 283 -22.95 35.00 -7.72
N PHE D 284 -21.61 35.00 -7.70
CA PHE D 284 -20.88 35.03 -6.44
C PHE D 284 -20.97 36.40 -5.76
N ALA D 285 -21.18 37.48 -6.51
CA ALA D 285 -21.29 38.78 -5.85
C ALA D 285 -22.53 38.86 -4.97
N ARG D 286 -23.57 38.09 -5.30
CA ARG D 286 -24.83 38.07 -4.55
C ARG D 286 -24.64 37.23 -3.28
C1 PEG E . 23.19 -11.06 -0.47
O1 PEG E . 24.04 -10.75 -1.54
C2 PEG E . 24.02 -11.35 0.77
O2 PEG E . 23.24 -11.75 1.86
C3 PEG E . 23.90 -11.59 3.10
C4 PEG E . 23.39 -10.33 3.80
O4 PEG E . 23.99 -9.19 3.25
H11 PEG E . 22.66 -11.84 -0.69
H12 PEG E . 22.60 -10.30 -0.30
HO1 PEG E . 23.65 -10.87 -2.29
H21 PEG E . 24.51 -10.54 1.02
H22 PEG E . 24.66 -12.05 0.56
H31 PEG E . 24.85 -11.50 2.93
H32 PEG E . 23.73 -12.36 3.65
H41 PEG E . 23.61 -10.39 4.74
H42 PEG E . 22.42 -10.28 3.70
HO4 PEG E . 23.85 -8.53 3.76
C1 PEG F . 17.38 -11.34 33.84
O1 PEG F . 17.24 -10.70 35.08
C2 PEG F . 18.76 -11.23 33.32
O2 PEG F . 18.75 -11.23 31.90
C3 PEG F . 19.45 -10.13 31.32
C4 PEG F . 18.74 -9.66 30.12
O4 PEG F . 19.38 -8.59 29.49
H11 PEG F . 17.16 -12.29 33.95
H12 PEG F . 16.76 -10.95 33.20
HO1 PEG F . 16.74 -10.02 34.99
H21 PEG F . 19.30 -11.98 33.63
H22 PEG F . 19.17 -10.40 33.64
H31 PEG F . 20.36 -10.41 31.09
H32 PEG F . 19.51 -9.40 31.98
H41 PEG F . 17.82 -9.38 30.36
H42 PEG F . 18.65 -10.40 29.48
HO4 PEG F . 20.06 -8.38 29.95
C1 PGE G . 15.67 -16.49 31.56
O1 PGE G . 14.97 -16.64 30.33
C2 PGE G . 16.10 -17.80 32.13
O2 PGE G . 16.07 -17.73 33.55
C3 PGE G . 16.31 -18.98 34.18
C4 PGE G . 15.38 -19.14 35.31
O4 PGE G . 12.44 -22.51 34.66
C6 PGE G . 13.48 -22.24 35.56
C5 PGE G . 13.74 -20.78 35.72
O3 PGE G . 15.11 -20.51 35.51
H1 PGE G . 16.46 -15.93 31.41
H12 PGE G . 15.08 -16.04 32.20
HO1 PGE G . 14.40 -16.03 30.27
H2 PGE G . 17.00 -18.02 31.83
H22 PGE G . 15.49 -18.52 31.83
H3 PGE G . 16.17 -19.71 33.53
H32 PGE G . 17.23 -19.02 34.50
H4 PGE G . 14.55 -18.65 35.14
H42 PGE G . 15.79 -18.77 36.13
HO4 PGE G . 12.48 -23.31 34.41
H6 PGE G . 13.25 -22.62 36.44
H62 PGE G . 14.30 -22.68 35.24
H5 PGE G . 13.20 -20.28 35.08
H52 PGE G . 13.48 -20.50 36.62
C1 EDO H . 26.16 -19.48 27.87
O1 EDO H . 26.50 -19.46 29.24
C2 EDO H . 27.35 -19.39 26.99
O2 EDO H . 27.46 -18.26 26.21
H11 EDO H . 25.57 -18.73 27.68
H12 EDO H . 25.69 -20.31 27.67
HO1 EDO H . 25.80 -19.60 29.69
H21 EDO H . 27.35 -20.16 26.40
H22 EDO H . 28.14 -19.45 27.55
HO2 EDO H . 28.18 -18.30 25.77
C1 PEG I . -1.09 -13.35 24.07
O1 PEG I . -1.83 -13.56 25.27
C2 PEG I . -0.06 -14.47 23.78
O2 PEG I . 1.21 -13.99 23.39
C3 PEG I . 2.36 -14.73 23.87
C4 PEG I . 2.48 -14.65 25.40
O4 PEG I . 2.39 -13.31 25.86
H11 PEG I . -0.60 -12.51 24.16
H12 PEG I . -1.71 -13.29 23.34
HO1 PEG I . -2.29 -12.87 25.43
H21 PEG I . -0.42 -15.02 23.06
H22 PEG I . 0.04 -15.01 24.58
H31 PEG I . 3.17 -14.37 23.47
H32 PEG I . 2.27 -15.66 23.61
H41 PEG I . 3.32 -15.03 25.68
H42 PEG I . 1.74 -15.16 25.79
HO4 PEG I . 2.33 -13.31 26.71
C1 PEG J . -32.00 -22.30 20.79
O1 PEG J . -32.07 -23.67 21.09
C2 PEG J . -30.85 -21.66 21.58
O2 PEG J . -30.28 -20.63 20.82
C3 PEG J . -29.07 -20.14 21.31
C4 PEG J . -27.89 -21.10 21.07
O4 PEG J . -26.87 -20.89 22.02
H11 PEG J . -32.84 -21.88 21.05
H12 PEG J . -31.84 -22.17 19.85
HO1 PEG J . -32.79 -23.99 20.75
H21 PEG J . -30.19 -22.32 21.78
H22 PEG J . -31.20 -21.29 22.42
H31 PEG J . -29.15 -20.00 22.28
H32 PEG J . -28.87 -19.29 20.89
H41 PEG J . -27.53 -20.95 20.18
H42 PEG J . -28.21 -22.02 21.14
HO4 PEG J . -26.88 -21.53 22.58
C1 PGE K . 4.52 -35.56 9.28
O1 PGE K . 5.50 -35.49 8.30
C2 PGE K . 4.98 -36.24 10.52
O2 PGE K . 5.73 -35.33 11.31
C3 PGE K . 5.03 -34.95 12.49
C4 PGE K . 5.91 -34.14 13.34
O4 PGE K . 2.14 -31.72 14.36
C6 PGE K . 3.46 -31.57 13.88
C5 PGE K . 4.35 -32.66 14.34
O3 PGE K . 5.41 -32.81 13.42
H1 PGE K . 4.22 -34.66 9.51
H12 PGE K . 3.75 -36.06 8.92
HO1 PGE K . 5.86 -34.72 8.34
H2 PGE K . 4.21 -36.58 11.02
H22 PGE K . 5.56 -37.00 10.28
H3 PGE K . 4.23 -34.43 12.25
H32 PGE K . 4.75 -35.75 12.98
H4 PGE K . 6.81 -34.12 12.97
H42 PGE K . 5.95 -34.53 14.24
HO4 PGE K . 1.63 -31.23 13.90
H6 PGE K . 3.80 -30.72 14.19
H62 PGE K . 3.44 -31.56 12.90
H5 PGE K . 4.70 -32.45 15.23
H52 PGE K . 3.84 -33.51 14.40
C1 PEG L . -43.25 23.37 -18.76
O1 PEG L . -44.02 22.18 -18.91
C2 PEG L . -43.20 23.93 -17.33
O2 PEG L . -42.40 25.10 -17.27
C3 PEG L . -42.98 26.22 -17.87
C4 PEG L . -41.96 27.27 -18.35
O4 PEG L . -42.59 28.12 -19.28
H11 PEG L . -43.64 24.05 -19.34
H12 PEG L . -42.35 23.18 -19.05
HO1 PEG L . -43.88 21.84 -19.67
H21 PEG L . -42.83 23.24 -16.74
H22 PEG L . -44.10 24.14 -17.03
H31 PEG L . -43.56 26.65 -17.22
H32 PEG L . -43.49 25.94 -18.64
H41 PEG L . -41.20 26.83 -18.75
H42 PEG L . -41.65 27.80 -17.59
HO4 PEG L . -42.26 28.89 -19.25
C1 EDO M . -4.56 27.45 1.29
O1 EDO M . -3.40 27.88 0.65
C2 EDO M . -5.75 27.65 0.47
O2 EDO M . -6.54 28.70 0.94
H11 EDO M . -4.47 26.50 1.50
H12 EDO M . -4.66 27.94 2.13
HO1 EDO M . -2.74 27.83 1.18
H21 EDO M . -6.28 26.83 0.48
H22 EDO M . -5.49 27.84 -0.45
HO2 EDO M . -7.23 28.78 0.44
C1 EDO N . -20.55 3.88 -14.79
O1 EDO N . -21.40 2.81 -15.07
C2 EDO N . -21.15 4.90 -13.90
O2 EDO N . -22.53 5.03 -14.10
H11 EDO N . -19.73 3.53 -14.36
H12 EDO N . -20.29 4.31 -15.63
HO1 EDO N . -21.03 2.30 -15.63
H21 EDO N . -20.72 5.76 -14.07
H22 EDO N . -20.98 4.65 -12.98
HO2 EDO N . -22.83 5.61 -13.56
C1 EDO O . -28.88 12.14 -16.99
O1 EDO O . -29.27 10.93 -16.38
C2 EDO O . -27.86 11.95 -18.01
O2 EDO O . -26.90 12.95 -18.01
H11 EDO O . -28.53 12.73 -16.31
H12 EDO O . -29.66 12.56 -17.40
HO1 EDO O . -29.90 11.08 -15.84
H21 EDO O . -28.29 11.94 -18.90
H22 EDO O . -27.42 11.09 -17.88
HO2 EDO O . -26.33 12.79 -18.62
#